data_2MXE
#
_entry.id   2MXE
#
_entity_poly.entity_id   1
_entity_poly.type   'polypeptide(L)'
_entity_poly.pdbx_seq_one_letter_code
;MKRARKVKQYKNPHTGEVIETKGGNHKTLKEWKAKWGPEAVESWATLLGHHHHHH
;
_entity_poly.pdbx_strand_id   A
#
# COMPACT_ATOMS: atom_id res chain seq x y z
N ALA A 4 -5.58 -15.00 -5.79
CA ALA A 4 -4.90 -15.19 -4.47
C ALA A 4 -3.45 -14.66 -4.48
N ARG A 5 -3.07 -13.92 -3.42
CA ARG A 5 -1.70 -13.47 -3.08
C ARG A 5 -0.90 -12.71 -4.16
N LYS A 6 -1.56 -12.02 -5.09
CA LYS A 6 -0.92 -11.09 -6.04
C LYS A 6 -0.37 -9.86 -5.30
N VAL A 7 0.65 -9.24 -5.88
CA VAL A 7 1.33 -8.05 -5.33
C VAL A 7 0.45 -6.81 -5.44
N LYS A 8 0.33 -6.07 -4.34
CA LYS A 8 -0.27 -4.73 -4.28
C LYS A 8 0.86 -3.72 -4.16
N GLN A 9 0.94 -2.83 -5.15
CA GLN A 9 1.78 -1.65 -5.14
C GLN A 9 0.97 -0.53 -4.46
N TYR A 10 1.62 0.32 -3.68
CA TYR A 10 1.01 1.50 -3.04
C TYR A 10 1.93 2.70 -3.24
N LYS A 11 1.37 3.91 -3.27
CA LYS A 11 2.08 5.20 -3.38
C LYS A 11 1.53 6.19 -2.36
N ASN A 12 2.38 7.02 -1.77
CA ASN A 12 1.97 8.02 -0.77
C ASN A 12 2.25 9.46 -1.25
N PRO A 13 1.27 10.14 -1.86
CA PRO A 13 1.38 11.55 -2.29
C PRO A 13 1.94 12.54 -1.26
N HIS A 14 1.81 12.25 0.04
CA HIS A 14 2.31 13.11 1.14
C HIS A 14 3.84 13.12 1.28
N THR A 15 4.53 12.09 0.77
CA THR A 15 5.98 11.87 0.91
C THR A 15 6.70 11.58 -0.42
N GLY A 16 5.96 11.12 -1.43
CA GLY A 16 6.47 10.72 -2.74
C GLY A 16 6.86 9.22 -2.83
N GLU A 17 6.82 8.49 -1.71
CA GLU A 17 7.19 7.07 -1.65
C GLU A 17 6.25 6.14 -2.42
N VAL A 18 6.82 5.01 -2.86
CA VAL A 18 6.16 3.85 -3.45
C VAL A 18 6.69 2.57 -2.80
N ILE A 19 5.81 1.60 -2.57
CA ILE A 19 6.11 0.28 -1.98
C ILE A 19 5.31 -0.82 -2.68
N GLU A 20 5.73 -2.06 -2.46
CA GLU A 20 5.11 -3.29 -2.95
C GLU A 20 5.12 -4.40 -1.88
N THR A 21 4.00 -5.11 -1.74
CA THR A 21 3.82 -6.25 -0.82
C THR A 21 2.77 -7.23 -1.38
N LYS A 22 2.78 -8.50 -0.95
CA LYS A 22 1.70 -9.48 -1.24
C LYS A 22 0.50 -9.38 -0.28
N GLY A 23 0.58 -8.51 0.75
CA GLY A 23 -0.48 -8.28 1.74
C GLY A 23 -0.09 -8.64 3.19
N GLY A 24 1.16 -9.05 3.43
CA GLY A 24 1.69 -9.38 4.76
C GLY A 24 1.98 -8.17 5.65
N ASN A 25 2.45 -8.42 6.87
CA ASN A 25 2.82 -7.41 7.87
C ASN A 25 4.05 -6.57 7.41
N HIS A 26 3.81 -5.53 6.60
CA HIS A 26 4.82 -4.64 6.01
C HIS A 26 4.77 -3.27 6.67
N LYS A 27 5.60 -3.04 7.69
CA LYS A 27 5.60 -1.88 8.63
C LYS A 27 5.29 -0.52 8.00
N THR A 28 5.91 -0.20 6.86
CA THR A 28 5.70 1.06 6.12
C THR A 28 4.25 1.24 5.64
N LEU A 29 3.59 0.17 5.19
CA LEU A 29 2.17 0.20 4.81
C LEU A 29 1.31 0.39 6.07
N LYS A 30 1.60 -0.37 7.15
CA LYS A 30 0.87 -0.27 8.42
C LYS A 30 0.89 1.15 8.98
N GLU A 31 2.07 1.79 8.91
CA GLU A 31 2.24 3.17 9.30
C GLU A 31 1.38 4.13 8.47
N TRP A 32 1.33 3.93 7.15
CA TRP A 32 0.48 4.74 6.27
C TRP A 32 -1.01 4.54 6.56
N LYS A 33 -1.46 3.28 6.80
CA LYS A 33 -2.86 2.96 7.17
C LYS A 33 -3.22 3.61 8.50
N ALA A 34 -2.29 3.62 9.46
CA ALA A 34 -2.47 4.26 10.76
C ALA A 34 -2.51 5.79 10.68
N LYS A 35 -1.72 6.39 9.78
CA LYS A 35 -1.50 7.85 9.70
C LYS A 35 -2.35 8.60 8.66
N TRP A 36 -2.95 7.91 7.69
CA TRP A 36 -3.86 8.49 6.68
C TRP A 36 -5.19 7.73 6.50
N GLY A 37 -5.37 6.59 7.18
CA GLY A 37 -6.60 5.78 7.17
C GLY A 37 -6.49 4.59 6.22
N PRO A 38 -6.84 3.36 6.65
CA PRO A 38 -6.69 2.16 5.82
C PRO A 38 -7.53 2.20 4.54
N GLU A 39 -8.72 2.80 4.56
CA GLU A 39 -9.59 2.89 3.38
C GLU A 39 -8.99 3.79 2.30
N ALA A 40 -8.38 4.91 2.70
CA ALA A 40 -7.65 5.81 1.82
C ALA A 40 -6.42 5.10 1.22
N VAL A 41 -5.63 4.44 2.05
CA VAL A 41 -4.43 3.71 1.62
C VAL A 41 -4.74 2.52 0.72
N GLU A 42 -5.81 1.76 0.97
CA GLU A 42 -6.24 0.72 0.03
C GLU A 42 -6.75 1.32 -1.30
N SER A 43 -7.25 2.56 -1.30
CA SER A 43 -7.55 3.29 -2.54
C SER A 43 -6.27 3.69 -3.31
N TRP A 44 -5.13 3.86 -2.62
CA TRP A 44 -3.82 4.02 -3.26
C TRP A 44 -3.29 2.71 -3.88
N ALA A 45 -3.84 1.55 -3.50
CA ALA A 45 -3.36 0.24 -3.96
C ALA A 45 -3.56 0.00 -5.46
N THR A 46 -2.64 -0.76 -6.07
CA THR A 46 -2.71 -1.27 -7.45
C THR A 46 -2.19 -2.70 -7.52
N LEU A 47 -3.05 -3.62 -7.97
CA LEU A 47 -2.73 -5.03 -8.15
C LEU A 47 -1.88 -5.24 -9.40
N LEU A 48 -0.66 -5.75 -9.26
CA LEU A 48 0.30 -5.97 -10.36
C LEU A 48 0.01 -7.27 -11.15
N GLY A 49 -1.25 -7.46 -11.54
CA GLY A 49 -1.78 -8.68 -12.18
C GLY A 49 -3.14 -8.45 -12.85
N HIS A 50 -3.26 -7.39 -13.65
CA HIS A 50 -4.49 -6.98 -14.35
C HIS A 50 -4.22 -6.57 -15.82
N ALA A 4 -6.45 -12.36 -5.84
CA ALA A 4 -5.81 -13.59 -5.32
C ALA A 4 -4.37 -13.75 -5.85
N ARG A 5 -3.42 -14.08 -4.95
CA ARG A 5 -2.03 -14.50 -5.24
C ARG A 5 -1.21 -13.57 -6.16
N LYS A 6 -1.40 -12.24 -6.00
CA LYS A 6 -0.70 -11.17 -6.74
C LYS A 6 -0.24 -10.03 -5.83
N VAL A 7 0.79 -9.32 -6.28
CA VAL A 7 1.40 -8.16 -5.59
C VAL A 7 0.48 -6.94 -5.67
N LYS A 8 0.44 -6.14 -4.59
CA LYS A 8 -0.18 -4.81 -4.53
C LYS A 8 0.92 -3.78 -4.29
N GLN A 9 1.02 -2.86 -5.24
CA GLN A 9 1.83 -1.65 -5.14
C GLN A 9 0.98 -0.59 -4.40
N TYR A 10 1.64 0.28 -3.65
CA TYR A 10 1.03 1.45 -3.01
C TYR A 10 1.93 2.66 -3.22
N LYS A 11 1.34 3.86 -3.29
CA LYS A 11 2.02 5.15 -3.41
C LYS A 11 1.45 6.13 -2.39
N ASN A 12 2.30 6.99 -1.83
CA ASN A 12 1.91 7.95 -0.79
C ASN A 12 2.15 9.41 -1.28
N PRO A 13 1.14 10.07 -1.88
CA PRO A 13 1.23 11.46 -2.32
C PRO A 13 1.76 12.47 -1.29
N HIS A 14 1.57 12.21 0.01
CA HIS A 14 2.00 13.09 1.11
C HIS A 14 3.51 13.04 1.40
N THR A 15 4.22 12.01 0.90
CA THR A 15 5.67 11.81 1.12
C THR A 15 6.46 11.57 -0.18
N GLY A 16 5.80 11.16 -1.26
CA GLY A 16 6.40 10.80 -2.56
C GLY A 16 6.78 9.32 -2.69
N GLU A 17 6.68 8.53 -1.61
CA GLU A 17 7.07 7.11 -1.59
C GLU A 17 6.18 6.18 -2.41
N VAL A 18 6.79 5.06 -2.83
CA VAL A 18 6.15 3.89 -3.45
C VAL A 18 6.70 2.62 -2.81
N ILE A 19 5.84 1.63 -2.60
CA ILE A 19 6.16 0.30 -2.05
C ILE A 19 5.37 -0.79 -2.77
N GLU A 20 5.78 -2.04 -2.57
CA GLU A 20 5.15 -3.27 -3.06
C GLU A 20 5.15 -4.35 -1.97
N THR A 21 4.04 -5.10 -1.88
CA THR A 21 3.84 -6.25 -0.96
C THR A 21 2.87 -7.27 -1.56
N LYS A 22 2.86 -8.51 -1.05
CA LYS A 22 1.87 -9.55 -1.38
C LYS A 22 0.66 -9.56 -0.43
N GLY A 23 0.64 -8.68 0.58
CA GLY A 23 -0.46 -8.51 1.54
C GLY A 23 -0.12 -8.88 2.99
N GLY A 24 1.14 -9.24 3.26
CA GLY A 24 1.64 -9.57 4.62
C GLY A 24 1.82 -8.35 5.53
N ASN A 25 2.26 -8.59 6.77
CA ASN A 25 2.57 -7.56 7.77
C ASN A 25 3.79 -6.70 7.37
N HIS A 26 3.56 -5.68 6.54
CA HIS A 26 4.59 -4.78 5.98
C HIS A 26 4.55 -3.42 6.69
N LYS A 27 5.37 -3.22 7.73
CA LYS A 27 5.34 -2.09 8.68
C LYS A 27 5.13 -0.71 8.05
N THR A 28 5.80 -0.41 6.93
CA THR A 28 5.65 0.86 6.20
C THR A 28 4.23 1.13 5.70
N LEU A 29 3.52 0.07 5.26
CA LEU A 29 2.11 0.17 4.86
C LEU A 29 1.22 0.39 6.09
N LYS A 30 1.46 -0.36 7.18
CA LYS A 30 0.73 -0.20 8.45
C LYS A 30 0.84 1.20 9.01
N GLU A 31 2.04 1.78 8.94
CA GLU A 31 2.26 3.18 9.29
C GLU A 31 1.40 4.13 8.46
N TRP A 32 1.30 3.90 7.16
CA TRP A 32 0.46 4.72 6.28
C TRP A 32 -1.03 4.56 6.60
N LYS A 33 -1.51 3.34 6.87
CA LYS A 33 -2.90 3.08 7.29
C LYS A 33 -3.22 3.80 8.61
N ALA A 34 -2.27 3.81 9.54
CA ALA A 34 -2.39 4.51 10.82
C ALA A 34 -2.38 6.05 10.68
N LYS A 35 -1.59 6.57 9.74
CA LYS A 35 -1.32 8.02 9.58
C LYS A 35 -2.17 8.76 8.52
N TRP A 36 -2.79 8.04 7.58
CA TRP A 36 -3.68 8.61 6.54
C TRP A 36 -5.02 7.88 6.36
N GLY A 37 -5.23 6.76 7.06
CA GLY A 37 -6.48 5.99 7.10
C GLY A 37 -6.43 4.72 6.24
N PRO A 38 -6.86 3.56 6.74
CA PRO A 38 -6.78 2.30 6.01
C PRO A 38 -7.60 2.29 4.71
N GLU A 39 -8.77 2.94 4.70
CA GLU A 39 -9.63 3.02 3.51
C GLU A 39 -9.00 3.85 2.40
N ALA A 40 -8.37 4.97 2.77
CA ALA A 40 -7.61 5.82 1.85
C ALA A 40 -6.41 5.05 1.26
N VAL A 41 -5.62 4.41 2.11
CA VAL A 41 -4.44 3.64 1.70
C VAL A 41 -4.81 2.44 0.83
N GLU A 42 -5.89 1.72 1.14
CA GLU A 42 -6.36 0.62 0.27
C GLU A 42 -6.87 1.14 -1.09
N SER A 43 -7.33 2.40 -1.16
CA SER A 43 -7.64 3.08 -2.43
C SER A 43 -6.36 3.46 -3.22
N TRP A 44 -5.22 3.66 -2.54
CA TRP A 44 -3.90 3.85 -3.19
C TRP A 44 -3.37 2.57 -3.85
N ALA A 45 -3.91 1.39 -3.51
CA ALA A 45 -3.40 0.11 -4.01
C ALA A 45 -3.54 -0.06 -5.54
N THR A 46 -2.56 -0.76 -6.14
CA THR A 46 -2.55 -1.22 -7.55
C THR A 46 -2.01 -2.63 -7.66
N LEU A 47 -2.85 -3.54 -8.15
CA LEU A 47 -2.45 -4.91 -8.48
C LEU A 47 -1.41 -4.93 -9.62
N LEU A 48 -0.33 -5.69 -9.45
CA LEU A 48 0.73 -5.87 -10.45
C LEU A 48 0.74 -7.29 -11.05
N GLY A 49 1.46 -7.47 -12.15
CA GLY A 49 1.67 -8.76 -12.82
C GLY A 49 3.04 -8.95 -13.46
N HIS A 50 4.07 -8.21 -12.98
CA HIS A 50 5.46 -8.29 -13.47
C HIS A 50 6.10 -9.68 -13.26
N ALA A 4 -6.30 -12.54 -4.31
CA ALA A 4 -5.48 -13.64 -3.72
C ALA A 4 -4.15 -13.84 -4.45
N ARG A 5 -3.04 -13.95 -3.69
CA ARG A 5 -1.68 -14.35 -4.16
C ARG A 5 -1.07 -13.54 -5.31
N LYS A 6 -1.33 -12.23 -5.34
CA LYS A 6 -0.77 -11.25 -6.32
C LYS A 6 -0.24 -10.01 -5.58
N VAL A 7 0.75 -9.36 -6.18
CA VAL A 7 1.41 -8.17 -5.62
C VAL A 7 0.52 -6.93 -5.72
N LYS A 8 0.47 -6.12 -4.66
CA LYS A 8 -0.14 -4.78 -4.61
C LYS A 8 0.96 -3.75 -4.40
N GLN A 9 1.04 -2.80 -5.31
CA GLN A 9 1.84 -1.58 -5.22
C GLN A 9 0.99 -0.53 -4.50
N TYR A 10 1.64 0.35 -3.73
CA TYR A 10 1.02 1.50 -3.08
C TYR A 10 1.92 2.73 -3.28
N LYS A 11 1.32 3.93 -3.35
CA LYS A 11 2.02 5.21 -3.48
C LYS A 11 1.47 6.20 -2.46
N ASN A 12 2.36 6.98 -1.84
CA ASN A 12 2.02 7.96 -0.80
C ASN A 12 2.32 9.40 -1.27
N PRO A 13 1.36 10.10 -1.91
CA PRO A 13 1.57 11.43 -2.47
C PRO A 13 1.96 12.52 -1.45
N HIS A 14 1.83 12.27 -0.13
CA HIS A 14 2.32 13.15 0.94
C HIS A 14 3.85 13.28 0.98
N THR A 15 4.57 12.25 0.51
CA THR A 15 6.05 12.18 0.50
C THR A 15 6.65 11.84 -0.88
N GLY A 16 5.85 11.26 -1.78
CA GLY A 16 6.28 10.76 -3.09
C GLY A 16 6.69 9.28 -3.08
N GLU A 17 6.66 8.62 -1.92
CA GLU A 17 7.03 7.21 -1.75
C GLU A 17 6.16 6.22 -2.53
N VAL A 18 6.78 5.07 -2.85
CA VAL A 18 6.17 3.88 -3.43
C VAL A 18 6.70 2.63 -2.72
N ILE A 19 5.82 1.64 -2.53
CA ILE A 19 6.13 0.31 -1.97
C ILE A 19 5.34 -0.78 -2.70
N GLU A 20 5.75 -2.02 -2.50
CA GLU A 20 5.11 -3.24 -3.00
C GLU A 20 5.08 -4.33 -1.92
N THR A 21 3.97 -5.07 -1.85
CA THR A 21 3.76 -6.22 -0.94
C THR A 21 2.78 -7.23 -1.55
N LYS A 22 2.77 -8.48 -1.06
CA LYS A 22 1.78 -9.51 -1.42
C LYS A 22 0.52 -9.49 -0.52
N GLY A 23 0.46 -8.59 0.46
CA GLY A 23 -0.68 -8.41 1.38
C GLY A 23 -0.40 -8.81 2.83
N GLY A 24 0.84 -9.20 3.17
CA GLY A 24 1.27 -9.54 4.53
C GLY A 24 1.48 -8.31 5.43
N ASN A 25 1.87 -8.55 6.69
CA ASN A 25 2.17 -7.52 7.68
C ASN A 25 3.44 -6.71 7.30
N HIS A 26 3.29 -5.70 6.45
CA HIS A 26 4.37 -4.85 5.92
C HIS A 26 4.38 -3.50 6.66
N LYS A 27 5.20 -3.38 7.72
CA LYS A 27 5.25 -2.27 8.71
C LYS A 27 5.13 -0.86 8.12
N THR A 28 5.79 -0.57 7.00
CA THR A 28 5.70 0.73 6.28
C THR A 28 4.27 1.05 5.81
N LEU A 29 3.52 0.05 5.33
CA LEU A 29 2.12 0.20 4.92
C LEU A 29 1.24 0.42 6.17
N LYS A 30 1.48 -0.33 7.25
CA LYS A 30 0.76 -0.18 8.53
C LYS A 30 0.88 1.24 9.08
N GLU A 31 2.07 1.82 9.01
CA GLU A 31 2.27 3.23 9.35
C GLU A 31 1.39 4.14 8.50
N TRP A 32 1.35 3.93 7.18
CA TRP A 32 0.52 4.73 6.27
C TRP A 32 -0.98 4.59 6.60
N LYS A 33 -1.46 3.38 6.89
CA LYS A 33 -2.86 3.11 7.29
C LYS A 33 -3.20 3.85 8.59
N ALA A 34 -2.28 3.87 9.55
CA ALA A 34 -2.43 4.58 10.81
C ALA A 34 -2.40 6.12 10.64
N LYS A 35 -1.55 6.62 9.74
CA LYS A 35 -1.30 8.07 9.52
C LYS A 35 -2.32 8.76 8.60
N TRP A 36 -2.87 8.06 7.61
CA TRP A 36 -3.75 8.62 6.57
C TRP A 36 -5.09 7.88 6.37
N GLY A 37 -5.31 6.76 7.06
CA GLY A 37 -6.56 6.01 7.07
C GLY A 37 -6.47 4.72 6.22
N PRO A 38 -6.86 3.55 6.74
CA PRO A 38 -6.75 2.29 6.02
C PRO A 38 -7.57 2.25 4.73
N GLU A 39 -8.75 2.87 4.71
CA GLU A 39 -9.61 2.92 3.52
C GLU A 39 -8.99 3.76 2.40
N ALA A 40 -8.37 4.90 2.77
CA ALA A 40 -7.63 5.74 1.83
C ALA A 40 -6.41 5.01 1.26
N VAL A 41 -5.61 4.39 2.13
CA VAL A 41 -4.41 3.64 1.72
C VAL A 41 -4.78 2.43 0.86
N GLU A 42 -5.85 1.69 1.15
CA GLU A 42 -6.32 0.60 0.29
C GLU A 42 -6.84 1.11 -1.07
N SER A 43 -7.28 2.37 -1.15
CA SER A 43 -7.60 3.03 -2.42
C SER A 43 -6.32 3.42 -3.21
N TRP A 44 -5.17 3.63 -2.54
CA TRP A 44 -3.87 3.82 -3.20
C TRP A 44 -3.33 2.53 -3.85
N ALA A 45 -3.88 1.36 -3.51
CA ALA A 45 -3.39 0.07 -4.02
C ALA A 45 -3.54 -0.09 -5.55
N THR A 46 -2.58 -0.78 -6.17
CA THR A 46 -2.60 -1.23 -7.58
C THR A 46 -2.04 -2.64 -7.69
N LEU A 47 -2.88 -3.56 -8.16
CA LEU A 47 -2.49 -4.93 -8.49
C LEU A 47 -1.49 -4.94 -9.64
N LEU A 48 -0.38 -5.67 -9.49
CA LEU A 48 0.66 -5.82 -10.53
C LEU A 48 0.51 -7.14 -11.30
N GLY A 49 -0.72 -7.47 -11.67
CA GLY A 49 -1.11 -8.70 -12.36
C GLY A 49 -2.62 -8.81 -12.61
N HIS A 50 -3.03 -9.95 -13.19
CA HIS A 50 -4.42 -10.27 -13.55
C HIS A 50 -4.78 -11.73 -13.21
N ALA A 4 -6.72 -12.80 -4.43
CA ALA A 4 -5.64 -13.72 -4.91
C ALA A 4 -4.28 -13.39 -4.28
N ARG A 5 -3.23 -14.19 -4.58
CA ARG A 5 -1.86 -14.05 -4.01
C ARG A 5 -1.00 -12.94 -4.65
N LYS A 6 -1.53 -12.22 -5.65
CA LYS A 6 -0.90 -11.10 -6.37
C LYS A 6 -0.34 -10.00 -5.44
N VAL A 7 0.67 -9.29 -5.96
CA VAL A 7 1.31 -8.13 -5.31
C VAL A 7 0.45 -6.89 -5.45
N LYS A 8 0.34 -6.11 -4.37
CA LYS A 8 -0.23 -4.77 -4.34
C LYS A 8 0.90 -3.75 -4.21
N GLN A 9 0.98 -2.86 -5.19
CA GLN A 9 1.82 -1.67 -5.14
C GLN A 9 1.00 -0.58 -4.46
N TYR A 10 1.64 0.31 -3.71
CA TYR A 10 1.02 1.48 -3.08
C TYR A 10 1.92 2.70 -3.28
N LYS A 11 1.33 3.90 -3.32
CA LYS A 11 2.04 5.19 -3.45
C LYS A 11 1.52 6.17 -2.40
N ASN A 12 2.39 7.02 -1.86
CA ASN A 12 2.04 8.00 -0.81
C ASN A 12 2.30 9.46 -1.27
N PRO A 13 1.28 10.15 -1.83
CA PRO A 13 1.35 11.56 -2.22
C PRO A 13 1.95 12.55 -1.19
N HIS A 14 1.92 12.24 0.12
CA HIS A 14 2.49 13.08 1.18
C HIS A 14 4.02 13.19 1.14
N THR A 15 4.70 12.17 0.59
CA THR A 15 6.18 12.08 0.53
C THR A 15 6.74 11.74 -0.86
N GLY A 16 5.90 11.23 -1.76
CA GLY A 16 6.28 10.72 -3.09
C GLY A 16 6.71 9.25 -3.10
N GLU A 17 6.69 8.58 -1.94
CA GLU A 17 7.07 7.16 -1.80
C GLU A 17 6.20 6.17 -2.57
N VAL A 18 6.79 5.02 -2.89
CA VAL A 18 6.15 3.83 -3.45
C VAL A 18 6.69 2.58 -2.74
N ILE A 19 5.81 1.60 -2.51
CA ILE A 19 6.10 0.29 -1.92
C ILE A 19 5.30 -0.81 -2.62
N GLU A 20 5.72 -2.05 -2.39
CA GLU A 20 5.08 -3.28 -2.88
C GLU A 20 5.09 -4.40 -1.82
N THR A 21 3.97 -5.10 -1.69
CA THR A 21 3.78 -6.25 -0.78
C THR A 21 2.73 -7.23 -1.34
N LYS A 22 2.75 -8.49 -0.88
CA LYS A 22 1.69 -9.50 -1.17
C LYS A 22 0.48 -9.40 -0.22
N GLY A 23 0.52 -8.50 0.76
CA GLY A 23 -0.55 -8.26 1.74
C GLY A 23 -0.19 -8.67 3.18
N GLY A 24 1.05 -9.10 3.44
CA GLY A 24 1.56 -9.44 4.77
C GLY A 24 1.83 -8.24 5.66
N ASN A 25 2.28 -8.49 6.90
CA ASN A 25 2.66 -7.47 7.89
C ASN A 25 3.89 -6.65 7.45
N HIS A 26 3.65 -5.61 6.63
CA HIS A 26 4.68 -4.73 6.04
C HIS A 26 4.64 -3.35 6.71
N LYS A 27 5.48 -3.15 7.74
CA LYS A 27 5.48 -1.99 8.68
C LYS A 27 5.24 -0.62 8.02
N THR A 28 5.89 -0.34 6.89
CA THR A 28 5.73 0.92 6.15
C THR A 28 4.30 1.17 5.66
N LEU A 29 3.60 0.12 5.20
CA LEU A 29 2.18 0.21 4.83
C LEU A 29 1.33 0.41 6.09
N LYS A 30 1.61 -0.36 7.16
CA LYS A 30 0.88 -0.24 8.43
C LYS A 30 0.95 1.17 9.00
N GLU A 31 2.12 1.80 8.93
CA GLU A 31 2.29 3.21 9.28
C GLU A 31 1.39 4.11 8.45
N TRP A 32 1.37 3.93 7.12
CA TRP A 32 0.52 4.73 6.23
C TRP A 32 -0.97 4.57 6.54
N LYS A 33 -1.43 3.32 6.78
CA LYS A 33 -2.83 3.01 7.16
C LYS A 33 -3.19 3.66 8.48
N ALA A 34 -2.29 3.64 9.46
CA ALA A 34 -2.48 4.29 10.75
C ALA A 34 -2.49 5.83 10.66
N LYS A 35 -1.63 6.40 9.80
CA LYS A 35 -1.42 7.86 9.66
C LYS A 35 -2.46 8.57 8.81
N TRP A 36 -3.01 7.91 7.77
CA TRP A 36 -3.90 8.52 6.76
C TRP A 36 -5.21 7.74 6.52
N GLY A 37 -5.41 6.61 7.19
CA GLY A 37 -6.64 5.81 7.17
C GLY A 37 -6.53 4.61 6.22
N PRO A 38 -6.83 3.37 6.67
CA PRO A 38 -6.67 2.17 5.85
C PRO A 38 -7.53 2.20 4.58
N GLU A 39 -8.72 2.79 4.62
CA GLU A 39 -9.61 2.86 3.45
C GLU A 39 -9.01 3.74 2.34
N ALA A 40 -8.44 4.88 2.73
CA ALA A 40 -7.74 5.77 1.80
C ALA A 40 -6.49 5.09 1.20
N VAL A 41 -5.69 4.46 2.05
CA VAL A 41 -4.47 3.76 1.63
C VAL A 41 -4.77 2.54 0.74
N GLU A 42 -5.84 1.79 0.97
CA GLU A 42 -6.26 0.74 0.02
C GLU A 42 -6.73 1.34 -1.32
N SER A 43 -7.28 2.56 -1.34
CA SER A 43 -7.54 3.28 -2.60
C SER A 43 -6.23 3.70 -3.31
N TRP A 44 -5.12 3.86 -2.59
CA TRP A 44 -3.79 4.04 -3.20
C TRP A 44 -3.24 2.74 -3.83
N ALA A 45 -3.81 1.58 -3.52
CA ALA A 45 -3.31 0.28 -3.98
C ALA A 45 -3.54 0.02 -5.49
N THR A 46 -2.61 -0.71 -6.10
CA THR A 46 -2.69 -1.25 -7.48
C THR A 46 -2.13 -2.67 -7.53
N LEU A 47 -2.99 -3.61 -7.93
CA LEU A 47 -2.63 -5.02 -8.15
C LEU A 47 -1.79 -5.16 -9.43
N LEU A 48 -0.64 -5.84 -9.34
CA LEU A 48 0.29 -6.05 -10.46
C LEU A 48 -0.19 -7.15 -11.45
N GLY A 49 -1.31 -6.88 -12.12
CA GLY A 49 -1.96 -7.74 -13.12
C GLY A 49 -2.66 -6.93 -14.23
N HIS A 50 -2.07 -5.78 -14.59
CA HIS A 50 -2.61 -4.77 -15.50
C HIS A 50 -1.52 -4.20 -16.44
N ALA A 4 -6.51 -13.73 -6.19
CA ALA A 4 -5.24 -14.50 -6.13
C ALA A 4 -4.15 -13.75 -5.34
N ARG A 5 -3.04 -14.41 -4.98
CA ARG A 5 -1.92 -13.85 -4.16
C ARG A 5 -0.98 -12.88 -4.91
N LYS A 6 -1.54 -12.08 -5.83
CA LYS A 6 -0.84 -11.03 -6.61
C LYS A 6 -0.28 -9.91 -5.72
N VAL A 7 0.76 -9.26 -6.21
CA VAL A 7 1.40 -8.09 -5.58
C VAL A 7 0.49 -6.86 -5.69
N LYS A 8 0.44 -6.05 -4.64
CA LYS A 8 -0.18 -4.72 -4.61
C LYS A 8 0.92 -3.68 -4.41
N GLN A 9 1.03 -2.76 -5.36
CA GLN A 9 1.85 -1.56 -5.26
C GLN A 9 1.00 -0.47 -4.58
N TYR A 10 1.64 0.39 -3.80
CA TYR A 10 1.03 1.54 -3.14
C TYR A 10 1.94 2.76 -3.32
N LYS A 11 1.34 3.95 -3.40
CA LYS A 11 2.05 5.25 -3.49
C LYS A 11 1.49 6.22 -2.47
N ASN A 12 2.37 6.96 -1.79
CA ASN A 12 1.99 7.96 -0.78
C ASN A 12 2.29 9.38 -1.29
N PRO A 13 1.34 10.08 -1.94
CA PRO A 13 1.57 11.40 -2.53
C PRO A 13 1.95 12.50 -1.51
N HIS A 14 1.75 12.26 -0.21
CA HIS A 14 2.18 13.17 0.89
C HIS A 14 3.70 13.22 1.08
N THR A 15 4.43 12.18 0.64
CA THR A 15 5.89 12.04 0.80
C THR A 15 6.62 11.74 -0.51
N GLY A 16 5.92 11.19 -1.51
CA GLY A 16 6.46 10.76 -2.81
C GLY A 16 6.85 9.27 -2.85
N GLU A 17 6.76 8.56 -1.73
CA GLU A 17 7.12 7.15 -1.62
C GLU A 17 6.23 6.18 -2.42
N VAL A 18 6.83 5.04 -2.79
CA VAL A 18 6.19 3.87 -3.40
C VAL A 18 6.71 2.60 -2.71
N ILE A 19 5.82 1.63 -2.50
CA ILE A 19 6.11 0.31 -1.93
C ILE A 19 5.30 -0.77 -2.64
N GLU A 20 5.72 -2.02 -2.46
CA GLU A 20 5.07 -3.24 -2.98
C GLU A 20 5.07 -4.36 -1.93
N THR A 21 3.95 -5.08 -1.83
CA THR A 21 3.75 -6.25 -0.94
C THR A 21 2.73 -7.22 -1.53
N LYS A 22 2.73 -8.49 -1.10
CA LYS A 22 1.69 -9.49 -1.44
C LYS A 22 0.48 -9.47 -0.48
N GLY A 23 0.50 -8.61 0.54
CA GLY A 23 -0.60 -8.41 1.51
C GLY A 23 -0.26 -8.79 2.96
N GLY A 24 0.99 -9.15 3.26
CA GLY A 24 1.46 -9.50 4.61
C GLY A 24 1.64 -8.29 5.54
N ASN A 25 2.05 -8.55 6.78
CA ASN A 25 2.36 -7.55 7.81
C ASN A 25 3.60 -6.69 7.42
N HIS A 26 3.39 -5.64 6.62
CA HIS A 26 4.44 -4.77 6.05
C HIS A 26 4.45 -3.41 6.76
N LYS A 27 5.29 -3.26 7.79
CA LYS A 27 5.39 -2.11 8.72
C LYS A 27 5.17 -0.73 8.11
N THR A 28 5.81 -0.44 6.98
CA THR A 28 5.69 0.85 6.25
C THR A 28 4.25 1.12 5.77
N LEU A 29 3.54 0.08 5.30
CA LEU A 29 2.12 0.20 4.90
C LEU A 29 1.26 0.40 6.15
N LYS A 30 1.50 -0.35 7.22
CA LYS A 30 0.78 -0.21 8.50
C LYS A 30 0.86 1.22 9.05
N GLU A 31 2.05 1.81 9.00
CA GLU A 31 2.24 3.22 9.35
C GLU A 31 1.39 4.16 8.50
N TRP A 32 1.33 3.92 7.19
CA TRP A 32 0.49 4.73 6.30
C TRP A 32 -1.01 4.56 6.61
N LYS A 33 -1.48 3.33 6.90
CA LYS A 33 -2.87 3.07 7.30
C LYS A 33 -3.21 3.79 8.60
N ALA A 34 -2.28 3.82 9.55
CA ALA A 34 -2.42 4.54 10.82
C ALA A 34 -2.42 6.07 10.67
N LYS A 35 -1.62 6.60 9.72
CA LYS A 35 -1.37 8.05 9.56
C LYS A 35 -2.21 8.78 8.49
N TRP A 36 -2.83 8.04 7.55
CA TRP A 36 -3.73 8.60 6.52
C TRP A 36 -5.07 7.86 6.36
N GLY A 37 -5.27 6.73 7.06
CA GLY A 37 -6.51 5.96 7.10
C GLY A 37 -6.44 4.69 6.23
N PRO A 38 -6.84 3.51 6.74
CA PRO A 38 -6.73 2.25 6.00
C PRO A 38 -7.56 2.22 4.71
N GLU A 39 -8.74 2.84 4.69
CA GLU A 39 -9.60 2.90 3.50
C GLU A 39 -8.98 3.75 2.39
N ALA A 40 -8.36 4.87 2.76
CA ALA A 40 -7.62 5.74 1.84
C ALA A 40 -6.40 5.00 1.26
N VAL A 41 -5.59 4.37 2.12
CA VAL A 41 -4.40 3.61 1.71
C VAL A 41 -4.76 2.41 0.82
N GLU A 42 -5.83 1.67 1.13
CA GLU A 42 -6.30 0.58 0.25
C GLU A 42 -6.83 1.12 -1.10
N SER A 43 -7.28 2.38 -1.16
CA SER A 43 -7.59 3.06 -2.42
C SER A 43 -6.33 3.48 -3.20
N TRP A 44 -5.17 3.65 -2.54
CA TRP A 44 -3.86 3.85 -3.21
C TRP A 44 -3.34 2.56 -3.88
N ALA A 45 -3.88 1.38 -3.53
CA ALA A 45 -3.41 0.09 -4.04
C ALA A 45 -3.58 -0.09 -5.56
N THR A 46 -2.63 -0.80 -6.18
CA THR A 46 -2.67 -1.27 -7.57
C THR A 46 -2.12 -2.69 -7.68
N LEU A 47 -2.97 -3.62 -8.11
CA LEU A 47 -2.58 -4.99 -8.44
C LEU A 47 -1.60 -5.02 -9.62
N LEU A 48 -0.52 -5.79 -9.49
CA LEU A 48 0.48 -5.98 -10.54
C LEU A 48 0.32 -7.35 -11.23
N GLY A 49 1.01 -7.54 -12.37
CA GLY A 49 1.01 -8.79 -13.14
C GLY A 49 1.91 -8.74 -14.38
N HIS A 50 2.00 -9.86 -15.11
CA HIS A 50 2.78 -10.00 -16.36
C HIS A 50 2.19 -11.07 -17.30
N ALA A 4 -6.15 -13.94 -6.62
CA ALA A 4 -4.82 -14.64 -6.63
C ALA A 4 -3.78 -13.87 -5.79
N ARG A 5 -2.63 -14.48 -5.49
CA ARG A 5 -1.54 -13.93 -4.64
C ARG A 5 -0.67 -12.83 -5.32
N LYS A 6 -1.29 -12.03 -6.21
CA LYS A 6 -0.65 -10.91 -6.94
C LYS A 6 -0.15 -9.80 -6.00
N VAL A 7 0.87 -9.08 -6.46
CA VAL A 7 1.50 -7.95 -5.74
C VAL A 7 0.59 -6.72 -5.80
N LYS A 8 0.41 -6.05 -4.65
CA LYS A 8 -0.21 -4.73 -4.54
C LYS A 8 0.90 -3.69 -4.35
N GLN A 9 1.02 -2.80 -5.32
CA GLN A 9 1.83 -1.60 -5.26
C GLN A 9 1.00 -0.50 -4.56
N TYR A 10 1.66 0.37 -3.80
CA TYR A 10 1.04 1.53 -3.15
C TYR A 10 1.94 2.75 -3.36
N LYS A 11 1.34 3.95 -3.40
CA LYS A 11 2.03 5.25 -3.51
C LYS A 11 1.47 6.23 -2.48
N ASN A 12 2.36 7.00 -1.86
CA ASN A 12 2.02 7.98 -0.82
C ASN A 12 2.33 9.41 -1.27
N PRO A 13 1.37 10.12 -1.91
CA PRO A 13 1.59 11.47 -2.45
C PRO A 13 1.96 12.55 -1.40
N HIS A 14 1.81 12.26 -0.09
CA HIS A 14 2.31 13.13 1.00
C HIS A 14 3.85 13.26 1.03
N THR A 15 4.56 12.24 0.56
CA THR A 15 6.05 12.17 0.55
C THR A 15 6.65 11.85 -0.82
N GLY A 16 5.86 11.28 -1.74
CA GLY A 16 6.29 10.78 -3.05
C GLY A 16 6.71 9.30 -3.04
N GLU A 17 6.66 8.63 -1.89
CA GLU A 17 7.03 7.22 -1.72
C GLU A 17 6.18 6.23 -2.52
N VAL A 18 6.80 5.10 -2.85
CA VAL A 18 6.18 3.91 -3.46
C VAL A 18 6.71 2.64 -2.76
N ILE A 19 5.83 1.67 -2.56
CA ILE A 19 6.13 0.33 -2.00
C ILE A 19 5.34 -0.75 -2.73
N GLU A 20 5.74 -2.01 -2.51
CA GLU A 20 5.12 -3.23 -3.04
C GLU A 20 5.09 -4.34 -1.97
N THR A 21 3.98 -5.07 -1.90
CA THR A 21 3.77 -6.22 -1.00
C THR A 21 2.78 -7.22 -1.62
N LYS A 22 2.80 -8.48 -1.20
CA LYS A 22 1.81 -9.52 -1.58
C LYS A 22 0.56 -9.54 -0.68
N GLY A 23 0.52 -8.69 0.37
CA GLY A 23 -0.63 -8.53 1.27
C GLY A 23 -0.36 -8.88 2.75
N GLY A 24 0.88 -9.26 3.10
CA GLY A 24 1.27 -9.58 4.48
C GLY A 24 1.43 -8.34 5.38
N ASN A 25 1.77 -8.57 6.66
CA ASN A 25 2.04 -7.53 7.66
C ASN A 25 3.30 -6.69 7.32
N HIS A 26 3.13 -5.68 6.47
CA HIS A 26 4.22 -4.82 5.95
C HIS A 26 4.27 -3.51 6.72
N LYS A 27 5.11 -3.42 7.76
CA LYS A 27 5.23 -2.33 8.76
C LYS A 27 5.11 -0.90 8.19
N THR A 28 5.78 -0.61 7.08
CA THR A 28 5.69 0.69 6.37
C THR A 28 4.28 1.03 5.88
N LEU A 29 3.53 0.04 5.37
CA LEU A 29 2.12 0.22 4.96
C LEU A 29 1.25 0.43 6.20
N LYS A 30 1.48 -0.32 7.28
CA LYS A 30 0.75 -0.17 8.55
C LYS A 30 0.85 1.25 9.11
N GLU A 31 2.05 1.82 9.07
CA GLU A 31 2.24 3.24 9.40
C GLU A 31 1.40 4.15 8.53
N TRP A 32 1.37 3.93 7.21
CA TRP A 32 0.55 4.73 6.30
C TRP A 32 -0.95 4.61 6.61
N LYS A 33 -1.45 3.40 6.92
CA LYS A 33 -2.86 3.15 7.31
C LYS A 33 -3.20 3.89 8.60
N ALA A 34 -2.28 3.91 9.57
CA ALA A 34 -2.45 4.63 10.83
C ALA A 34 -2.42 6.17 10.64
N LYS A 35 -1.56 6.67 9.75
CA LYS A 35 -1.32 8.10 9.52
C LYS A 35 -2.34 8.79 8.61
N TRP A 36 -2.89 8.07 7.62
CA TRP A 36 -3.75 8.64 6.56
C TRP A 36 -5.08 7.89 6.32
N GLY A 37 -5.31 6.79 7.03
CA GLY A 37 -6.56 6.03 7.04
C GLY A 37 -6.47 4.74 6.20
N PRO A 38 -6.87 3.57 6.73
CA PRO A 38 -6.74 2.30 6.02
C PRO A 38 -7.56 2.24 4.73
N GLU A 39 -8.74 2.87 4.69
CA GLU A 39 -9.59 2.90 3.50
C GLU A 39 -8.97 3.75 2.37
N ALA A 40 -8.37 4.88 2.73
CA ALA A 40 -7.61 5.73 1.80
C ALA A 40 -6.39 4.99 1.25
N VAL A 41 -5.59 4.39 2.13
CA VAL A 41 -4.40 3.62 1.73
C VAL A 41 -4.75 2.39 0.88
N GLU A 42 -5.80 1.65 1.20
CA GLU A 42 -6.27 0.55 0.34
C GLU A 42 -6.81 1.06 -1.02
N SER A 43 -7.25 2.32 -1.09
CA SER A 43 -7.58 2.99 -2.36
C SER A 43 -6.33 3.42 -3.16
N TRP A 44 -5.17 3.58 -2.52
CA TRP A 44 -3.87 3.78 -3.20
C TRP A 44 -3.34 2.49 -3.87
N ALA A 45 -3.87 1.31 -3.51
CA ALA A 45 -3.39 0.02 -4.02
C ALA A 45 -3.56 -0.14 -5.55
N THR A 46 -2.60 -0.82 -6.18
CA THR A 46 -2.61 -1.24 -7.59
C THR A 46 -2.05 -2.65 -7.75
N LEU A 47 -2.89 -3.55 -8.25
CA LEU A 47 -2.53 -4.94 -8.54
C LEU A 47 -1.61 -5.00 -9.77
N LEU A 48 -0.38 -5.48 -9.58
CA LEU A 48 0.59 -5.67 -10.67
C LEU A 48 0.31 -6.98 -11.44
N GLY A 49 0.86 -7.09 -12.67
CA GLY A 49 0.64 -8.25 -13.55
C GLY A 49 1.62 -8.35 -14.73
N HIS A 50 2.88 -7.94 -14.53
CA HIS A 50 3.94 -7.88 -15.55
C HIS A 50 5.28 -8.37 -14.99
N ALA A 4 -6.29 -12.94 -4.65
CA ALA A 4 -5.21 -13.86 -5.13
C ALA A 4 -3.84 -13.47 -4.55
N ARG A 5 -2.80 -14.26 -4.83
CA ARG A 5 -1.41 -14.07 -4.30
C ARG A 5 -0.60 -12.95 -4.96
N LYS A 6 -1.18 -12.28 -5.98
CA LYS A 6 -0.61 -11.12 -6.71
C LYS A 6 -0.14 -10.00 -5.79
N VAL A 7 0.88 -9.27 -6.27
CA VAL A 7 1.47 -8.10 -5.58
C VAL A 7 0.56 -6.88 -5.68
N LYS A 8 0.48 -6.09 -4.60
CA LYS A 8 -0.15 -4.76 -4.56
C LYS A 8 0.95 -3.72 -4.37
N GLN A 9 1.05 -2.81 -5.32
CA GLN A 9 1.86 -1.60 -5.23
C GLN A 9 1.02 -0.51 -4.55
N TYR A 10 1.65 0.39 -3.81
CA TYR A 10 1.03 1.54 -3.16
C TYR A 10 1.93 2.76 -3.36
N LYS A 11 1.34 3.96 -3.42
CA LYS A 11 2.04 5.25 -3.53
C LYS A 11 1.48 6.24 -2.50
N ASN A 12 2.34 7.09 -1.94
CA ASN A 12 1.98 8.03 -0.87
C ASN A 12 2.25 9.50 -1.29
N PRO A 13 1.26 10.20 -1.87
CA PRO A 13 1.35 11.62 -2.26
C PRO A 13 1.94 12.58 -1.21
N HIS A 14 1.84 12.27 0.09
CA HIS A 14 2.38 13.11 1.19
C HIS A 14 3.91 13.20 1.20
N THR A 15 4.61 12.19 0.66
CA THR A 15 6.08 12.10 0.65
C THR A 15 6.67 11.78 -0.74
N GLY A 16 5.85 11.28 -1.67
CA GLY A 16 6.27 10.79 -2.99
C GLY A 16 6.69 9.31 -3.00
N GLU A 17 6.65 8.63 -1.85
CA GLU A 17 7.03 7.22 -1.71
C GLU A 17 6.17 6.22 -2.50
N VAL A 18 6.78 5.07 -2.81
CA VAL A 18 6.16 3.89 -3.40
C VAL A 18 6.68 2.64 -2.69
N ILE A 19 5.79 1.66 -2.47
CA ILE A 19 6.09 0.34 -1.89
C ILE A 19 5.30 -0.75 -2.61
N GLU A 20 5.72 -2.00 -2.42
CA GLU A 20 5.10 -3.21 -2.95
C GLU A 20 5.12 -4.35 -1.91
N THR A 21 4.00 -5.07 -1.82
CA THR A 21 3.81 -6.24 -0.93
C THR A 21 2.80 -7.22 -1.53
N LYS A 22 2.84 -8.49 -1.11
CA LYS A 22 1.81 -9.52 -1.45
C LYS A 22 0.57 -9.47 -0.51
N GLY A 23 0.59 -8.63 0.52
CA GLY A 23 -0.51 -8.43 1.47
C GLY A 23 -0.20 -8.82 2.92
N GLY A 24 1.03 -9.26 3.21
CA GLY A 24 1.49 -9.58 4.57
C GLY A 24 1.73 -8.35 5.46
N ASN A 25 2.14 -8.58 6.71
CA ASN A 25 2.43 -7.54 7.70
C ASN A 25 3.69 -6.72 7.33
N HIS A 26 3.51 -5.70 6.48
CA HIS A 26 4.57 -4.83 5.95
C HIS A 26 4.54 -3.48 6.68
N LYS A 27 5.34 -3.31 7.74
CA LYS A 27 5.31 -2.18 8.70
C LYS A 27 5.11 -0.78 8.08
N THR A 28 5.78 -0.48 6.97
CA THR A 28 5.63 0.81 6.24
C THR A 28 4.20 1.07 5.77
N LEU A 29 3.49 0.03 5.31
CA LEU A 29 2.08 0.13 4.91
C LEU A 29 1.20 0.35 6.14
N LYS A 30 1.44 -0.40 7.22
CA LYS A 30 0.71 -0.25 8.49
C LYS A 30 0.82 1.17 9.04
N GLU A 31 2.03 1.74 8.99
CA GLU A 31 2.25 3.14 9.34
C GLU A 31 1.40 4.07 8.50
N TRP A 32 1.35 3.87 7.18
CA TRP A 32 0.53 4.70 6.28
C TRP A 32 -0.97 4.57 6.61
N LYS A 33 -1.47 3.35 6.88
CA LYS A 33 -2.87 3.10 7.28
C LYS A 33 -3.20 3.84 8.59
N ALA A 34 -2.28 3.83 9.55
CA ALA A 34 -2.43 4.53 10.82
C ALA A 34 -2.38 6.08 10.67
N LYS A 35 -1.51 6.58 9.78
CA LYS A 35 -1.26 8.02 9.57
C LYS A 35 -2.28 8.72 8.67
N TRP A 36 -2.84 8.02 7.68
CA TRP A 36 -3.71 8.61 6.63
C TRP A 36 -5.03 7.87 6.38
N GLY A 37 -5.28 6.76 7.08
CA GLY A 37 -6.54 6.02 7.07
C GLY A 37 -6.47 4.75 6.20
N PRO A 38 -6.87 3.57 6.72
CA PRO A 38 -6.76 2.31 5.99
C PRO A 38 -7.58 2.29 4.69
N GLU A 39 -8.75 2.91 4.66
CA GLU A 39 -9.60 2.97 3.46
C GLU A 39 -8.98 3.82 2.34
N ALA A 40 -8.36 4.93 2.72
CA ALA A 40 -7.61 5.79 1.79
C ALA A 40 -6.39 5.05 1.23
N VAL A 41 -5.59 4.43 2.11
CA VAL A 41 -4.39 3.66 1.71
C VAL A 41 -4.75 2.45 0.85
N GLU A 42 -5.81 1.70 1.16
CA GLU A 42 -6.28 0.61 0.30
C GLU A 42 -6.81 1.12 -1.06
N SER A 43 -7.27 2.38 -1.12
CA SER A 43 -7.59 3.05 -2.39
C SER A 43 -6.34 3.48 -3.18
N TRP A 44 -5.17 3.63 -2.53
CA TRP A 44 -3.88 3.82 -3.21
C TRP A 44 -3.35 2.55 -3.90
N ALA A 45 -3.89 1.37 -3.54
CA ALA A 45 -3.39 0.08 -4.03
C ALA A 45 -3.57 -0.12 -5.55
N THR A 46 -2.61 -0.82 -6.17
CA THR A 46 -2.65 -1.31 -7.56
C THR A 46 -2.07 -2.72 -7.66
N LEU A 47 -2.91 -3.66 -8.09
CA LEU A 47 -2.52 -5.03 -8.41
C LEU A 47 -1.54 -5.05 -9.61
N LEU A 48 -0.43 -5.77 -9.47
CA LEU A 48 0.56 -5.94 -10.54
C LEU A 48 0.37 -7.29 -11.27
N GLY A 49 0.94 -7.43 -12.47
CA GLY A 49 0.81 -8.63 -13.31
C GLY A 49 1.89 -8.79 -14.38
N HIS A 50 3.12 -8.32 -14.11
CA HIS A 50 4.28 -8.43 -15.01
C HIS A 50 4.65 -9.89 -15.35
N ALA A 4 -6.56 -13.74 -4.94
CA ALA A 4 -5.31 -14.48 -4.60
C ALA A 4 -4.20 -13.52 -4.13
N ARG A 5 -3.08 -14.03 -3.59
CA ARG A 5 -1.96 -13.27 -2.98
C ARG A 5 -1.03 -12.57 -3.99
N LYS A 6 -1.59 -11.94 -5.04
CA LYS A 6 -0.88 -11.07 -5.99
C LYS A 6 -0.33 -9.82 -5.28
N VAL A 7 0.70 -9.23 -5.88
CA VAL A 7 1.38 -8.03 -5.34
C VAL A 7 0.48 -6.79 -5.47
N LYS A 8 0.33 -6.04 -4.38
CA LYS A 8 -0.27 -4.71 -4.33
C LYS A 8 0.85 -3.68 -4.21
N GLN A 9 0.95 -2.82 -5.22
CA GLN A 9 1.78 -1.63 -5.23
C GLN A 9 0.97 -0.50 -4.57
N TYR A 10 1.63 0.39 -3.85
CA TYR A 10 1.03 1.56 -3.21
C TYR A 10 1.95 2.78 -3.43
N LYS A 11 1.36 3.98 -3.44
CA LYS A 11 2.07 5.27 -3.54
C LYS A 11 1.52 6.25 -2.49
N ASN A 12 2.37 7.10 -1.93
CA ASN A 12 2.01 8.05 -0.87
C ASN A 12 2.30 9.51 -1.28
N PRO A 13 1.31 10.21 -1.87
CA PRO A 13 1.42 11.63 -2.27
C PRO A 13 1.99 12.60 -1.21
N HIS A 14 1.88 12.29 0.09
CA HIS A 14 2.41 13.10 1.19
C HIS A 14 3.95 13.19 1.21
N THR A 15 4.64 12.17 0.67
CA THR A 15 6.11 12.07 0.65
C THR A 15 6.71 11.76 -0.72
N GLY A 16 5.88 11.28 -1.67
CA GLY A 16 6.31 10.80 -2.99
C GLY A 16 6.74 9.32 -3.01
N GLU A 17 6.68 8.62 -1.88
CA GLU A 17 7.06 7.21 -1.75
C GLU A 17 6.20 6.24 -2.55
N VAL A 18 6.80 5.09 -2.87
CA VAL A 18 6.18 3.91 -3.49
C VAL A 18 6.69 2.64 -2.80
N ILE A 19 5.81 1.67 -2.59
CA ILE A 19 6.10 0.35 -2.00
C ILE A 19 5.29 -0.75 -2.70
N GLU A 20 5.70 -2.00 -2.48
CA GLU A 20 5.07 -3.22 -2.97
C GLU A 20 5.08 -4.33 -1.90
N THR A 21 3.97 -5.05 -1.77
CA THR A 21 3.79 -6.20 -0.85
C THR A 21 2.76 -7.19 -1.41
N LYS A 22 2.81 -8.47 -0.99
CA LYS A 22 1.80 -9.50 -1.31
C LYS A 22 0.59 -9.49 -0.36
N GLY A 23 0.59 -8.63 0.67
CA GLY A 23 -0.51 -8.45 1.63
C GLY A 23 -0.17 -8.81 3.08
N GLY A 24 1.09 -9.19 3.36
CA GLY A 24 1.57 -9.51 4.71
C GLY A 24 1.79 -8.28 5.60
N ASN A 25 2.22 -8.50 6.84
CA ASN A 25 2.54 -7.46 7.83
C ASN A 25 3.77 -6.63 7.42
N HIS A 26 3.56 -5.62 6.57
CA HIS A 26 4.60 -4.74 6.00
C HIS A 26 4.58 -3.39 6.73
N LYS A 27 5.42 -3.22 7.77
CA LYS A 27 5.44 -2.10 8.74
C LYS A 27 5.19 -0.70 8.15
N THR A 28 5.83 -0.37 7.03
CA THR A 28 5.66 0.92 6.31
C THR A 28 4.22 1.15 5.84
N LEU A 29 3.54 0.11 5.35
CA LEU A 29 2.12 0.20 4.95
C LEU A 29 1.24 0.36 6.19
N LYS A 30 1.50 -0.40 7.27
CA LYS A 30 0.78 -0.28 8.55
C LYS A 30 0.84 1.13 9.10
N GLU A 31 2.04 1.74 9.05
CA GLU A 31 2.22 3.14 9.39
C GLU A 31 1.36 4.07 8.53
N TRP A 32 1.36 3.87 7.21
CA TRP A 32 0.52 4.66 6.30
C TRP A 32 -0.97 4.51 6.61
N LYS A 33 -1.45 3.29 6.89
CA LYS A 33 -2.86 3.01 7.26
C LYS A 33 -3.22 3.72 8.57
N ALA A 34 -2.32 3.73 9.54
CA ALA A 34 -2.50 4.46 10.81
C ALA A 34 -2.47 5.99 10.64
N LYS A 35 -1.57 6.49 9.78
CA LYS A 35 -1.32 7.94 9.57
C LYS A 35 -2.37 8.63 8.67
N TRP A 36 -2.93 7.92 7.68
CA TRP A 36 -3.81 8.49 6.65
C TRP A 36 -5.14 7.75 6.43
N GLY A 37 -5.35 6.62 7.11
CA GLY A 37 -6.59 5.83 7.10
C GLY A 37 -6.47 4.59 6.21
N PRO A 38 -6.84 3.39 6.68
CA PRO A 38 -6.69 2.16 5.90
C PRO A 38 -7.51 2.16 4.59
N GLU A 39 -8.69 2.78 4.58
CA GLU A 39 -9.54 2.88 3.39
C GLU A 39 -8.90 3.76 2.31
N ALA A 40 -8.28 4.88 2.73
CA ALA A 40 -7.53 5.76 1.83
C ALA A 40 -6.31 5.04 1.25
N VAL A 41 -5.53 4.37 2.11
CA VAL A 41 -4.34 3.61 1.68
C VAL A 41 -4.70 2.44 0.75
N GLU A 42 -5.79 1.71 1.00
CA GLU A 42 -6.24 0.69 0.04
C GLU A 42 -6.74 1.30 -1.28
N SER A 43 -7.23 2.54 -1.27
CA SER A 43 -7.52 3.29 -2.50
C SER A 43 -6.24 3.65 -3.29
N TRP A 44 -5.08 3.79 -2.61
CA TRP A 44 -3.78 3.93 -3.26
C TRP A 44 -3.27 2.60 -3.89
N ALA A 45 -3.86 1.45 -3.53
CA ALA A 45 -3.40 0.14 -3.99
C ALA A 45 -3.59 -0.07 -5.52
N THR A 46 -2.65 -0.81 -6.13
CA THR A 46 -2.70 -1.31 -7.51
C THR A 46 -2.17 -2.74 -7.58
N LEU A 47 -3.04 -3.68 -7.98
CA LEU A 47 -2.70 -5.08 -8.19
C LEU A 47 -1.83 -5.23 -9.46
N LEU A 48 -0.61 -5.73 -9.29
CA LEU A 48 0.32 -5.98 -10.40
C LEU A 48 0.02 -7.30 -11.13
N GLY A 49 0.47 -7.41 -12.38
CA GLY A 49 0.21 -8.59 -13.24
C GLY A 49 1.09 -8.68 -14.49
N HIS A 50 2.35 -8.24 -14.40
CA HIS A 50 3.33 -8.21 -15.50
C HIS A 50 4.75 -8.48 -15.00
N ALA A 4 -6.93 -12.34 -4.97
CA ALA A 4 -6.06 -13.23 -5.81
C ALA A 4 -4.59 -13.21 -5.35
N ARG A 5 -3.79 -14.19 -5.78
CA ARG A 5 -2.35 -14.35 -5.43
C ARG A 5 -1.45 -13.38 -6.21
N LYS A 6 -1.62 -12.08 -5.97
CA LYS A 6 -0.97 -10.96 -6.69
C LYS A 6 -0.43 -9.89 -5.73
N VAL A 7 0.59 -9.17 -6.20
CA VAL A 7 1.24 -8.06 -5.48
C VAL A 7 0.38 -6.79 -5.54
N LYS A 8 0.25 -6.08 -4.41
CA LYS A 8 -0.33 -4.73 -4.34
C LYS A 8 0.82 -3.72 -4.21
N GLN A 9 0.93 -2.85 -5.20
CA GLN A 9 1.77 -1.66 -5.17
C GLN A 9 0.96 -0.52 -4.52
N TYR A 10 1.64 0.35 -3.78
CA TYR A 10 1.04 1.54 -3.16
C TYR A 10 1.96 2.75 -3.36
N LYS A 11 1.38 3.95 -3.38
CA LYS A 11 2.09 5.24 -3.46
C LYS A 11 1.52 6.21 -2.42
N ASN A 12 2.39 6.95 -1.74
CA ASN A 12 1.99 7.95 -0.74
C ASN A 12 2.32 9.37 -1.25
N PRO A 13 1.39 10.08 -1.91
CA PRO A 13 1.65 11.40 -2.50
C PRO A 13 2.01 12.50 -1.47
N HIS A 14 1.79 12.26 -0.18
CA HIS A 14 2.20 13.15 0.93
C HIS A 14 3.73 13.18 1.14
N THR A 15 4.44 12.13 0.72
CA THR A 15 5.91 11.96 0.90
C THR A 15 6.66 11.66 -0.40
N GLY A 16 5.97 11.14 -1.42
CA GLY A 16 6.52 10.73 -2.72
C GLY A 16 6.89 9.24 -2.79
N GLU A 17 6.81 8.50 -1.67
CA GLU A 17 7.17 7.08 -1.60
C GLU A 17 6.26 6.14 -2.38
N VAL A 18 6.85 5.01 -2.79
CA VAL A 18 6.20 3.86 -3.42
C VAL A 18 6.71 2.57 -2.76
N ILE A 19 5.82 1.60 -2.53
CA ILE A 19 6.11 0.28 -1.96
C ILE A 19 5.29 -0.81 -2.66
N GLU A 20 5.69 -2.05 -2.46
CA GLU A 20 5.05 -3.27 -2.97
C GLU A 20 5.05 -4.38 -1.91
N THR A 21 3.93 -5.08 -1.79
CA THR A 21 3.74 -6.23 -0.88
C THR A 21 2.70 -7.21 -1.43
N LYS A 22 2.73 -8.48 -0.98
CA LYS A 22 1.70 -9.50 -1.28
C LYS A 22 0.51 -9.47 -0.31
N GLY A 23 0.55 -8.59 0.72
CA GLY A 23 -0.51 -8.40 1.71
C GLY A 23 -0.12 -8.76 3.16
N GLY A 24 1.14 -9.14 3.41
CA GLY A 24 1.66 -9.45 4.75
C GLY A 24 1.90 -8.22 5.63
N ASN A 25 2.36 -8.45 6.86
CA ASN A 25 2.69 -7.41 7.84
C ASN A 25 3.92 -6.57 7.41
N HIS A 26 3.69 -5.56 6.57
CA HIS A 26 4.71 -4.66 6.00
C HIS A 26 4.67 -3.30 6.70
N LYS A 27 5.50 -3.09 7.73
CA LYS A 27 5.49 -1.94 8.68
C LYS A 27 5.24 -0.57 8.03
N THR A 28 5.89 -0.27 6.90
CA THR A 28 5.71 1.00 6.15
C THR A 28 4.26 1.22 5.69
N LEU A 29 3.55 0.16 5.27
CA LEU A 29 2.14 0.23 4.89
C LEU A 29 1.29 0.42 6.14
N LYS A 30 1.57 -0.32 7.22
CA LYS A 30 0.86 -0.19 8.51
C LYS A 30 0.92 1.24 9.05
N GLU A 31 2.10 1.85 8.97
CA GLU A 31 2.28 3.26 9.31
C GLU A 31 1.38 4.17 8.49
N TRP A 32 1.30 3.94 7.18
CA TRP A 32 0.43 4.73 6.30
C TRP A 32 -1.05 4.53 6.61
N LYS A 33 -1.49 3.29 6.89
CA LYS A 33 -2.88 2.98 7.28
C LYS A 33 -3.24 3.68 8.60
N ALA A 34 -2.29 3.73 9.54
CA ALA A 34 -2.45 4.43 10.82
C ALA A 34 -2.49 5.96 10.67
N LYS A 35 -1.69 6.52 9.73
CA LYS A 35 -1.48 7.98 9.59
C LYS A 35 -2.32 8.69 8.52
N TRP A 36 -2.94 7.95 7.58
CA TRP A 36 -3.86 8.49 6.56
C TRP A 36 -5.21 7.73 6.44
N GLY A 37 -5.34 6.59 7.12
CA GLY A 37 -6.56 5.76 7.14
C GLY A 37 -6.45 4.53 6.24
N PRO A 38 -6.84 3.33 6.70
CA PRO A 38 -6.69 2.10 5.92
C PRO A 38 -7.50 2.11 4.61
N GLU A 39 -8.69 2.71 4.61
CA GLU A 39 -9.55 2.81 3.42
C GLU A 39 -8.92 3.71 2.35
N ALA A 40 -8.30 4.81 2.78
CA ALA A 40 -7.55 5.71 1.89
C ALA A 40 -6.32 5.00 1.29
N VAL A 41 -5.54 4.32 2.13
CA VAL A 41 -4.36 3.57 1.68
C VAL A 41 -4.72 2.42 0.74
N GLU A 42 -5.80 1.68 0.99
CA GLU A 42 -6.27 0.66 0.04
C GLU A 42 -6.77 1.28 -1.28
N SER A 43 -7.25 2.54 -1.25
CA SER A 43 -7.55 3.30 -2.48
C SER A 43 -6.28 3.67 -3.27
N TRP A 44 -5.12 3.82 -2.60
CA TRP A 44 -3.82 3.97 -3.25
C TRP A 44 -3.30 2.67 -3.90
N ALA A 45 -3.88 1.51 -3.55
CA ALA A 45 -3.40 0.21 -4.03
C ALA A 45 -3.56 0.00 -5.55
N THR A 46 -2.63 -0.74 -6.15
CA THR A 46 -2.66 -1.23 -7.53
C THR A 46 -2.16 -2.67 -7.62
N LEU A 47 -3.02 -3.57 -8.10
CA LEU A 47 -2.71 -4.98 -8.31
C LEU A 47 -1.84 -5.16 -9.54
N LEU A 48 -0.60 -5.65 -9.36
CA LEU A 48 0.35 -5.90 -10.44
C LEU A 48 0.03 -7.22 -11.18
N GLY A 49 0.55 -7.37 -12.41
CA GLY A 49 0.29 -8.53 -13.27
C GLY A 49 1.27 -8.69 -14.44
N HIS A 50 2.55 -8.37 -14.22
CA HIS A 50 3.63 -8.39 -15.22
C HIS A 50 5.01 -8.74 -14.61
N ALA A 4 -6.68 -12.87 -4.76
CA ALA A 4 -5.58 -13.79 -5.20
C ALA A 4 -4.24 -13.43 -4.52
N ARG A 5 -3.19 -14.22 -4.75
CA ARG A 5 -1.84 -14.06 -4.15
C ARG A 5 -0.97 -12.94 -4.76
N LYS A 6 -1.47 -12.25 -5.80
CA LYS A 6 -0.83 -11.12 -6.50
C LYS A 6 -0.36 -9.99 -5.56
N VAL A 7 0.66 -9.26 -6.03
CA VAL A 7 1.26 -8.09 -5.36
C VAL A 7 0.37 -6.86 -5.48
N LYS A 8 0.27 -6.09 -4.41
CA LYS A 8 -0.33 -4.74 -4.37
C LYS A 8 0.82 -3.74 -4.24
N GLN A 9 0.92 -2.86 -5.23
CA GLN A 9 1.77 -1.67 -5.20
C GLN A 9 0.96 -0.54 -4.54
N TYR A 10 1.64 0.32 -3.79
CA TYR A 10 1.05 1.51 -3.15
C TYR A 10 1.98 2.71 -3.35
N LYS A 11 1.40 3.91 -3.36
CA LYS A 11 2.12 5.20 -3.43
C LYS A 11 1.53 6.17 -2.40
N ASN A 12 2.38 7.00 -1.79
CA ASN A 12 1.96 8.00 -0.80
C ASN A 12 2.25 9.44 -1.28
N PRO A 13 1.27 10.12 -1.91
CA PRO A 13 1.40 11.52 -2.35
C PRO A 13 1.95 12.52 -1.31
N HIS A 14 1.78 12.25 -0.01
CA HIS A 14 2.25 13.10 1.09
C HIS A 14 3.78 13.09 1.29
N THR A 15 4.47 12.05 0.81
CA THR A 15 5.92 11.84 0.99
C THR A 15 6.67 11.55 -0.32
N GLY A 16 5.96 11.09 -1.35
CA GLY A 16 6.52 10.69 -2.66
C GLY A 16 6.89 9.21 -2.73
N GLU A 17 6.84 8.47 -1.62
CA GLU A 17 7.21 7.04 -1.56
C GLU A 17 6.28 6.11 -2.34
N VAL A 18 6.86 4.99 -2.78
CA VAL A 18 6.20 3.84 -3.42
C VAL A 18 6.72 2.54 -2.79
N ILE A 19 5.83 1.57 -2.56
CA ILE A 19 6.12 0.26 -1.98
C ILE A 19 5.29 -0.83 -2.66
N GLU A 20 5.69 -2.08 -2.45
CA GLU A 20 5.05 -3.29 -2.98
C GLU A 20 5.06 -4.42 -1.92
N THR A 21 3.93 -5.11 -1.79
CA THR A 21 3.75 -6.26 -0.87
C THR A 21 2.69 -7.24 -1.41
N LYS A 22 2.72 -8.50 -0.99
CA LYS A 22 1.65 -9.50 -1.26
C LYS A 22 0.46 -9.43 -0.30
N GLY A 23 0.54 -8.56 0.73
CA GLY A 23 -0.52 -8.34 1.72
C GLY A 23 -0.14 -8.69 3.17
N GLY A 24 1.11 -9.12 3.42
CA GLY A 24 1.63 -9.42 4.76
C GLY A 24 1.89 -8.17 5.62
N ASN A 25 2.34 -8.38 6.85
CA ASN A 25 2.67 -7.33 7.82
C ASN A 25 3.92 -6.51 7.38
N HIS A 26 3.70 -5.50 6.51
CA HIS A 26 4.74 -4.62 5.96
C HIS A 26 4.70 -3.26 6.67
N LYS A 27 5.52 -3.06 7.70
CA LYS A 27 5.50 -1.91 8.65
C LYS A 27 5.26 -0.54 8.01
N THR A 28 5.89 -0.23 6.88
CA THR A 28 5.71 1.04 6.15
C THR A 28 4.26 1.27 5.69
N LEU A 29 3.56 0.20 5.26
CA LEU A 29 2.15 0.26 4.90
C LEU A 29 1.29 0.44 6.15
N LYS A 30 1.57 -0.30 7.22
CA LYS A 30 0.88 -0.17 8.51
C LYS A 30 0.93 1.24 9.05
N GLU A 31 2.11 1.87 8.97
CA GLU A 31 2.28 3.28 9.31
C GLU A 31 1.38 4.19 8.50
N TRP A 32 1.29 3.96 7.18
CA TRP A 32 0.42 4.75 6.30
C TRP A 32 -1.06 4.53 6.62
N LYS A 33 -1.49 3.29 6.89
CA LYS A 33 -2.89 2.97 7.28
C LYS A 33 -3.24 3.66 8.61
N ALA A 34 -2.29 3.71 9.55
CA ALA A 34 -2.45 4.40 10.82
C ALA A 34 -2.50 5.93 10.69
N LYS A 35 -1.71 6.50 9.75
CA LYS A 35 -1.49 7.95 9.62
C LYS A 35 -2.35 8.67 8.56
N TRP A 36 -2.95 7.94 7.61
CA TRP A 36 -3.87 8.47 6.59
C TRP A 36 -5.20 7.71 6.45
N GLY A 37 -5.34 6.55 7.10
CA GLY A 37 -6.56 5.73 7.13
C GLY A 37 -6.44 4.49 6.23
N PRO A 38 -6.84 3.30 6.69
CA PRO A 38 -6.68 2.07 5.91
C PRO A 38 -7.49 2.07 4.60
N GLU A 39 -8.68 2.69 4.60
CA GLU A 39 -9.52 2.80 3.41
C GLU A 39 -8.89 3.71 2.34
N ALA A 40 -8.27 4.81 2.77
CA ALA A 40 -7.53 5.71 1.89
C ALA A 40 -6.31 5.02 1.28
N VAL A 41 -5.52 4.32 2.11
CA VAL A 41 -4.35 3.56 1.66
C VAL A 41 -4.73 2.42 0.71
N GLU A 42 -5.80 1.68 0.97
CA GLU A 42 -6.31 0.67 0.02
C GLU A 42 -6.79 1.31 -1.30
N SER A 43 -7.27 2.56 -1.26
CA SER A 43 -7.58 3.33 -2.48
C SER A 43 -6.30 3.71 -3.27
N TRP A 44 -5.15 3.84 -2.61
CA TRP A 44 -3.84 4.01 -3.26
C TRP A 44 -3.32 2.70 -3.91
N ALA A 45 -3.90 1.54 -3.58
CA ALA A 45 -3.41 0.24 -4.06
C ALA A 45 -3.57 0.03 -5.58
N THR A 46 -2.64 -0.71 -6.17
CA THR A 46 -2.68 -1.22 -7.55
C THR A 46 -2.16 -2.65 -7.60
N LEU A 47 -3.03 -3.58 -7.98
CA LEU A 47 -2.69 -4.98 -8.22
C LEU A 47 -1.79 -5.10 -9.47
N LEU A 48 -0.68 -5.84 -9.38
CA LEU A 48 0.23 -6.08 -10.51
C LEU A 48 -0.26 -7.21 -11.44
N GLY A 49 -1.53 -7.15 -11.83
CA GLY A 49 -2.21 -8.11 -12.71
C GLY A 49 -3.71 -7.82 -12.89
N HIS A 50 -4.36 -8.58 -13.77
CA HIS A 50 -5.80 -8.48 -14.09
C HIS A 50 -6.37 -9.82 -14.58
N ALA A 4 -5.44 -13.23 -3.82
CA ALA A 4 -4.72 -14.51 -4.09
C ALA A 4 -3.66 -14.36 -5.20
N ARG A 5 -2.41 -14.78 -4.92
CA ARG A 5 -1.27 -14.95 -5.87
C ARG A 5 -0.84 -13.68 -6.64
N LYS A 6 -1.01 -12.50 -6.03
CA LYS A 6 -0.77 -11.17 -6.62
C LYS A 6 -0.06 -10.21 -5.65
N VAL A 7 0.60 -9.20 -6.20
CA VAL A 7 1.26 -8.10 -5.49
C VAL A 7 0.40 -6.84 -5.57
N LYS A 8 0.28 -6.09 -4.47
CA LYS A 8 -0.30 -4.75 -4.41
C LYS A 8 0.84 -3.73 -4.28
N GLN A 9 0.93 -2.84 -5.26
CA GLN A 9 1.78 -1.66 -5.24
C GLN A 9 0.97 -0.54 -4.57
N TYR A 10 1.64 0.33 -3.83
CA TYR A 10 1.05 1.52 -3.20
C TYR A 10 1.96 2.73 -3.41
N LYS A 11 1.38 3.92 -3.43
CA LYS A 11 2.09 5.21 -3.50
C LYS A 11 1.50 6.16 -2.45
N ASN A 12 2.33 7.01 -1.85
CA ASN A 12 1.94 7.97 -0.82
C ASN A 12 2.19 9.41 -1.29
N PRO A 13 1.20 10.10 -1.91
CA PRO A 13 1.30 11.50 -2.33
C PRO A 13 1.81 12.49 -1.27
N HIS A 14 1.62 12.21 0.02
CA HIS A 14 2.04 13.07 1.13
C HIS A 14 3.55 13.01 1.44
N THR A 15 4.26 11.99 0.94
CA THR A 15 5.71 11.77 1.18
C THR A 15 6.51 11.55 -0.12
N GLY A 16 5.86 11.13 -1.20
CA GLY A 16 6.46 10.78 -2.49
C GLY A 16 6.84 9.30 -2.64
N GLU A 17 6.73 8.50 -1.57
CA GLU A 17 7.13 7.09 -1.55
C GLU A 17 6.23 6.16 -2.38
N VAL A 18 6.83 5.04 -2.81
CA VAL A 18 6.19 3.89 -3.46
C VAL A 18 6.72 2.60 -2.83
N ILE A 19 5.85 1.63 -2.63
CA ILE A 19 6.14 0.30 -2.07
C ILE A 19 5.31 -0.79 -2.75
N GLU A 20 5.71 -2.05 -2.55
CA GLU A 20 5.06 -3.26 -3.02
C GLU A 20 5.06 -4.35 -1.93
N THR A 21 3.93 -5.07 -1.81
CA THR A 21 3.74 -6.20 -0.89
C THR A 21 2.71 -7.19 -1.46
N LYS A 22 2.73 -8.45 -1.01
CA LYS A 22 1.70 -9.47 -1.32
C LYS A 22 0.47 -9.40 -0.37
N GLY A 23 0.50 -8.51 0.63
CA GLY A 23 -0.61 -8.28 1.57
C GLY A 23 -0.31 -8.67 3.03
N GLY A 24 0.93 -9.09 3.33
CA GLY A 24 1.39 -9.43 4.68
C GLY A 24 1.60 -8.20 5.58
N ASN A 25 2.01 -8.45 6.84
CA ASN A 25 2.33 -7.41 7.84
C ASN A 25 3.57 -6.58 7.43
N HIS A 26 3.37 -5.55 6.60
CA HIS A 26 4.41 -4.69 6.03
C HIS A 26 4.45 -3.33 6.76
N LYS A 27 5.30 -3.21 7.77
CA LYS A 27 5.42 -2.08 8.75
C LYS A 27 5.24 -0.68 8.15
N THR A 28 5.88 -0.38 7.02
CA THR A 28 5.74 0.90 6.29
C THR A 28 4.30 1.18 5.82
N LEU A 29 3.59 0.17 5.33
CA LEU A 29 2.17 0.29 4.94
C LEU A 29 1.31 0.46 6.19
N LYS A 30 1.57 -0.29 7.27
CA LYS A 30 0.86 -0.16 8.55
C LYS A 30 0.93 1.26 9.09
N GLU A 31 2.10 1.87 9.03
CA GLU A 31 2.26 3.28 9.38
C GLU A 31 1.38 4.20 8.54
N TRP A 32 1.31 3.97 7.22
CA TRP A 32 0.47 4.75 6.33
C TRP A 32 -1.03 4.55 6.64
N LYS A 33 -1.47 3.32 6.92
CA LYS A 33 -2.87 3.01 7.30
C LYS A 33 -3.23 3.72 8.61
N ALA A 34 -2.29 3.76 9.56
CA ALA A 34 -2.46 4.45 10.84
C ALA A 34 -2.51 5.99 10.70
N LYS A 35 -1.71 6.55 9.76
CA LYS A 35 -1.51 8.01 9.62
C LYS A 35 -2.36 8.71 8.54
N TRP A 36 -2.93 7.97 7.59
CA TRP A 36 -3.85 8.51 6.54
C TRP A 36 -5.17 7.74 6.40
N GLY A 37 -5.33 6.59 7.09
CA GLY A 37 -6.54 5.78 7.12
C GLY A 37 -6.42 4.53 6.21
N PRO A 38 -6.81 3.33 6.68
CA PRO A 38 -6.66 2.10 5.90
C PRO A 38 -7.47 2.11 4.61
N GLU A 39 -8.66 2.74 4.60
CA GLU A 39 -9.51 2.84 3.40
C GLU A 39 -8.88 3.74 2.32
N ALA A 40 -8.26 4.83 2.75
CA ALA A 40 -7.50 5.72 1.86
C ALA A 40 -6.27 5.00 1.27
N VAL A 41 -5.50 4.32 2.11
CA VAL A 41 -4.32 3.55 1.68
C VAL A 41 -4.69 2.40 0.75
N GLU A 42 -5.77 1.65 1.01
CA GLU A 42 -6.25 0.64 0.04
C GLU A 42 -6.76 1.28 -1.26
N SER A 43 -7.25 2.51 -1.21
CA SER A 43 -7.57 3.29 -2.43
C SER A 43 -6.31 3.71 -3.21
N TRP A 44 -5.13 3.77 -2.57
CA TRP A 44 -3.83 3.95 -3.23
C TRP A 44 -3.31 2.66 -3.89
N ALA A 45 -3.89 1.48 -3.57
CA ALA A 45 -3.40 0.19 -4.05
C ALA A 45 -3.57 -0.02 -5.57
N THR A 46 -2.64 -0.75 -6.18
CA THR A 46 -2.69 -1.25 -7.57
C THR A 46 -2.17 -2.68 -7.65
N LEU A 47 -3.05 -3.60 -8.06
CA LEU A 47 -2.71 -5.01 -8.29
C LEU A 47 -1.84 -5.17 -9.53
N LEU A 48 -0.66 -5.80 -9.39
CA LEU A 48 0.30 -6.00 -10.48
C LEU A 48 0.02 -7.27 -11.30
N GLY A 49 -1.27 -7.51 -11.58
CA GLY A 49 -1.78 -8.68 -12.30
C GLY A 49 -3.31 -8.81 -12.25
N HIS A 50 -3.85 -9.81 -12.96
CA HIS A 50 -5.28 -10.12 -13.05
C HIS A 50 -5.54 -11.63 -13.26
N ALA A 4 -4.69 -14.08 -4.94
CA ALA A 4 -3.70 -15.18 -5.16
C ALA A 4 -2.59 -14.78 -6.15
N ARG A 5 -1.32 -15.05 -5.80
CA ARG A 5 -0.13 -14.96 -6.67
C ARG A 5 0.10 -13.61 -7.40
N LYS A 6 -0.28 -12.50 -6.74
CA LYS A 6 -0.13 -11.11 -7.25
C LYS A 6 0.40 -10.17 -6.16
N VAL A 7 0.96 -9.04 -6.60
CA VAL A 7 1.55 -7.97 -5.76
C VAL A 7 0.66 -6.72 -5.79
N LYS A 8 0.46 -6.10 -4.63
CA LYS A 8 -0.16 -4.77 -4.50
C LYS A 8 0.93 -3.72 -4.32
N GLN A 9 1.05 -2.83 -5.29
CA GLN A 9 1.85 -1.62 -5.23
C GLN A 9 1.01 -0.54 -4.54
N TYR A 10 1.66 0.34 -3.77
CA TYR A 10 1.04 1.49 -3.14
C TYR A 10 1.93 2.73 -3.36
N LYS A 11 1.32 3.92 -3.43
CA LYS A 11 2.00 5.22 -3.54
C LYS A 11 1.43 6.18 -2.50
N ASN A 12 2.26 7.05 -1.94
CA ASN A 12 1.88 7.96 -0.85
C ASN A 12 2.03 9.44 -1.28
N PRO A 13 0.97 10.09 -1.79
CA PRO A 13 0.97 11.52 -2.13
C PRO A 13 1.49 12.49 -1.06
N HIS A 14 1.42 12.13 0.24
CA HIS A 14 1.88 12.98 1.36
C HIS A 14 3.40 12.99 1.54
N THR A 15 4.13 12.01 0.99
CA THR A 15 5.59 11.85 1.16
C THR A 15 6.35 11.64 -0.16
N GLY A 16 5.67 11.20 -1.22
CA GLY A 16 6.25 10.86 -2.53
C GLY A 16 6.66 9.39 -2.68
N GLU A 17 6.59 8.60 -1.61
CA GLU A 17 7.01 7.19 -1.59
C GLU A 17 6.15 6.25 -2.43
N VAL A 18 6.76 5.12 -2.82
CA VAL A 18 6.14 3.95 -3.45
C VAL A 18 6.69 2.68 -2.78
N ILE A 19 5.82 1.69 -2.57
CA ILE A 19 6.14 0.37 -2.00
C ILE A 19 5.35 -0.73 -2.73
N GLU A 20 5.76 -1.97 -2.50
CA GLU A 20 5.16 -3.20 -3.03
C GLU A 20 5.14 -4.31 -1.96
N THR A 21 4.03 -5.05 -1.88
CA THR A 21 3.83 -6.19 -0.98
C THR A 21 2.85 -7.20 -1.59
N LYS A 22 2.86 -8.46 -1.12
CA LYS A 22 1.86 -9.49 -1.48
C LYS A 22 0.61 -9.46 -0.56
N GLY A 23 0.59 -8.60 0.45
CA GLY A 23 -0.54 -8.41 1.39
C GLY A 23 -0.24 -8.81 2.84
N GLY A 24 1.00 -9.20 3.16
CA GLY A 24 1.45 -9.56 4.51
C GLY A 24 1.65 -8.36 5.44
N ASN A 25 2.03 -8.63 6.69
CA ASN A 25 2.33 -7.62 7.72
C ASN A 25 3.59 -6.78 7.36
N HIS A 26 3.40 -5.74 6.54
CA HIS A 26 4.46 -4.87 6.01
C HIS A 26 4.44 -3.52 6.73
N LYS A 27 5.25 -3.36 7.79
CA LYS A 27 5.24 -2.23 8.76
C LYS A 27 5.06 -0.83 8.14
N THR A 28 5.75 -0.53 7.04
CA THR A 28 5.63 0.76 6.31
C THR A 28 4.21 1.03 5.82
N LEU A 29 3.49 0.00 5.34
CA LEU A 29 2.09 0.14 4.92
C LEU A 29 1.20 0.36 6.15
N LYS A 30 1.42 -0.40 7.23
CA LYS A 30 0.68 -0.24 8.49
C LYS A 30 0.80 1.17 9.06
N GLU A 31 2.01 1.73 9.02
CA GLU A 31 2.24 3.13 9.36
C GLU A 31 1.40 4.09 8.50
N TRP A 32 1.37 3.87 7.19
CA TRP A 32 0.55 4.69 6.28
C TRP A 32 -0.94 4.57 6.59
N LYS A 33 -1.46 3.37 6.89
CA LYS A 33 -2.86 3.15 7.28
C LYS A 33 -3.19 3.89 8.58
N ALA A 34 -2.27 3.88 9.54
CA ALA A 34 -2.42 4.61 10.81
C ALA A 34 -2.36 6.13 10.64
N LYS A 35 -1.48 6.62 9.74
CA LYS A 35 -1.21 8.06 9.53
C LYS A 35 -2.22 8.76 8.62
N TRP A 36 -2.78 8.07 7.63
CA TRP A 36 -3.62 8.64 6.55
C TRP A 36 -4.96 7.92 6.31
N GLY A 37 -5.22 6.81 7.01
CA GLY A 37 -6.49 6.08 7.02
C GLY A 37 -6.44 4.80 6.18
N PRO A 38 -6.86 3.64 6.72
CA PRO A 38 -6.77 2.36 6.01
C PRO A 38 -7.59 2.32 4.72
N GLU A 39 -8.76 2.96 4.68
CA GLU A 39 -9.60 3.01 3.48
C GLU A 39 -8.98 3.85 2.35
N ALA A 40 -8.35 4.97 2.72
CA ALA A 40 -7.59 5.80 1.78
C ALA A 40 -6.39 5.04 1.22
N VAL A 41 -5.59 4.43 2.11
CA VAL A 41 -4.40 3.65 1.72
C VAL A 41 -4.75 2.42 0.88
N GLU A 42 -5.82 1.69 1.20
CA GLU A 42 -6.30 0.58 0.34
C GLU A 42 -6.81 1.08 -1.02
N SER A 43 -7.27 2.34 -1.10
CA SER A 43 -7.59 3.00 -2.37
C SER A 43 -6.33 3.43 -3.16
N TRP A 44 -5.16 3.58 -2.51
CA TRP A 44 -3.86 3.77 -3.18
C TRP A 44 -3.32 2.48 -3.84
N ALA A 45 -3.85 1.30 -3.48
CA ALA A 45 -3.37 0.01 -3.97
C ALA A 45 -3.55 -0.15 -5.50
N THR A 46 -2.59 -0.84 -6.15
CA THR A 46 -2.61 -1.27 -7.55
C THR A 46 -2.04 -2.67 -7.70
N LEU A 47 -2.86 -3.58 -8.23
CA LEU A 47 -2.49 -4.96 -8.53
C LEU A 47 -1.57 -5.03 -9.75
N LEU A 48 -0.32 -5.47 -9.55
CA LEU A 48 0.64 -5.66 -10.64
C LEU A 48 0.36 -6.94 -11.44
N GLY A 49 0.91 -7.02 -12.66
CA GLY A 49 0.78 -8.19 -13.55
C GLY A 49 1.54 -8.03 -14.87
N HIS A 50 1.50 -9.07 -15.72
CA HIS A 50 2.15 -9.13 -17.04
C HIS A 50 1.34 -9.99 -18.03
N ALA A 4 -5.99 -14.01 -7.25
CA ALA A 4 -5.45 -14.50 -5.95
C ALA A 4 -3.94 -14.23 -5.79
N ARG A 5 -3.54 -13.67 -4.64
CA ARG A 5 -2.15 -13.50 -4.13
C ARG A 5 -1.16 -12.69 -5.01
N LYS A 6 -1.66 -11.84 -5.91
CA LYS A 6 -0.85 -10.86 -6.67
C LYS A 6 -0.36 -9.74 -5.75
N VAL A 7 0.75 -9.11 -6.14
CA VAL A 7 1.36 -7.97 -5.44
C VAL A 7 0.49 -6.73 -5.52
N LYS A 8 0.30 -6.05 -4.39
CA LYS A 8 -0.30 -4.72 -4.32
C LYS A 8 0.82 -3.68 -4.20
N GLN A 9 0.94 -2.84 -5.21
CA GLN A 9 1.78 -1.65 -5.22
C GLN A 9 0.98 -0.51 -4.57
N TYR A 10 1.65 0.38 -3.85
CA TYR A 10 1.05 1.57 -3.22
C TYR A 10 1.96 2.78 -3.45
N LYS A 11 1.38 3.98 -3.45
CA LYS A 11 2.08 5.27 -3.55
C LYS A 11 1.53 6.24 -2.50
N ASN A 12 2.38 7.09 -1.93
CA ASN A 12 2.02 8.04 -0.86
C ASN A 12 2.30 9.50 -1.28
N PRO A 13 1.32 10.21 -1.86
CA PRO A 13 1.41 11.63 -2.24
C PRO A 13 1.98 12.59 -1.19
N HIS A 14 1.88 12.27 0.11
CA HIS A 14 2.42 13.10 1.21
C HIS A 14 3.95 13.19 1.22
N THR A 15 4.65 12.17 0.68
CA THR A 15 6.13 12.07 0.67
C THR A 15 6.71 11.76 -0.72
N GLY A 16 5.89 11.27 -1.65
CA GLY A 16 6.32 10.78 -2.97
C GLY A 16 6.74 9.31 -3.00
N GLU A 17 6.69 8.62 -1.85
CA GLU A 17 7.07 7.20 -1.73
C GLU A 17 6.20 6.23 -2.52
N VAL A 18 6.81 5.08 -2.85
CA VAL A 18 6.20 3.91 -3.48
C VAL A 18 6.71 2.63 -2.81
N ILE A 19 5.84 1.66 -2.61
CA ILE A 19 6.12 0.34 -2.02
C ILE A 19 5.31 -0.77 -2.72
N GLU A 20 5.71 -2.01 -2.49
CA GLU A 20 5.08 -3.25 -2.98
C GLU A 20 5.07 -4.34 -1.90
N THR A 21 3.96 -5.06 -1.78
CA THR A 21 3.78 -6.21 -0.88
C THR A 21 2.76 -7.20 -1.45
N LYS A 22 2.80 -8.48 -1.03
CA LYS A 22 1.77 -9.49 -1.35
C LYS A 22 0.55 -9.46 -0.42
N GLY A 23 0.56 -8.59 0.61
CA GLY A 23 -0.53 -8.39 1.57
C GLY A 23 -0.21 -8.78 3.02
N GLY A 24 1.03 -9.19 3.30
CA GLY A 24 1.51 -9.52 4.66
C GLY A 24 1.74 -8.30 5.56
N ASN A 25 2.17 -8.54 6.80
CA ASN A 25 2.49 -7.50 7.80
C ASN A 25 3.73 -6.66 7.41
N HIS A 26 3.52 -5.64 6.56
CA HIS A 26 4.56 -4.76 6.01
C HIS A 26 4.52 -3.41 6.74
N LYS A 27 5.34 -3.23 7.80
CA LYS A 27 5.31 -2.11 8.76
C LYS A 27 5.15 -0.71 8.13
N THR A 28 5.83 -0.42 7.03
CA THR A 28 5.70 0.86 6.29
C THR A 28 4.27 1.12 5.80
N LEU A 29 3.56 0.10 5.33
CA LEU A 29 2.15 0.21 4.93
C LEU A 29 1.27 0.39 6.17
N LYS A 30 1.53 -0.36 7.25
CA LYS A 30 0.80 -0.23 8.52
C LYS A 30 0.88 1.19 9.08
N GLU A 31 2.06 1.78 9.03
CA GLU A 31 2.25 3.19 9.37
C GLU A 31 1.38 4.11 8.52
N TRP A 32 1.35 3.90 7.20
CA TRP A 32 0.51 4.70 6.30
C TRP A 32 -0.99 4.54 6.61
N LYS A 33 -1.45 3.32 6.90
CA LYS A 33 -2.86 3.03 7.27
C LYS A 33 -3.22 3.74 8.59
N ALA A 34 -2.30 3.76 9.55
CA ALA A 34 -2.47 4.45 10.83
C ALA A 34 -2.46 5.99 10.66
N LYS A 35 -1.60 6.52 9.79
CA LYS A 35 -1.37 7.97 9.59
C LYS A 35 -2.42 8.65 8.69
N TRP A 36 -2.96 7.94 7.71
CA TRP A 36 -3.85 8.50 6.66
C TRP A 36 -5.17 7.74 6.44
N GLY A 37 -5.36 6.60 7.12
CA GLY A 37 -6.59 5.81 7.11
C GLY A 37 -6.47 4.57 6.21
N PRO A 38 -6.85 3.35 6.68
CA PRO A 38 -6.70 2.14 5.90
C PRO A 38 -7.51 2.13 4.60
N GLU A 39 -8.70 2.75 4.59
CA GLU A 39 -9.55 2.85 3.39
C GLU A 39 -8.92 3.74 2.31
N ALA A 40 -8.30 4.85 2.73
CA ALA A 40 -7.56 5.74 1.84
C ALA A 40 -6.31 5.03 1.26
N VAL A 41 -5.54 4.36 2.12
CA VAL A 41 -4.34 3.61 1.69
C VAL A 41 -4.70 2.45 0.76
N GLU A 42 -5.78 1.70 1.01
CA GLU A 42 -6.24 0.69 0.05
C GLU A 42 -6.74 1.29 -1.27
N SER A 43 -7.24 2.53 -1.26
CA SER A 43 -7.53 3.28 -2.49
C SER A 43 -6.24 3.64 -3.28
N TRP A 44 -5.09 3.79 -2.61
CA TRP A 44 -3.79 3.93 -3.26
C TRP A 44 -3.28 2.61 -3.88
N ALA A 45 -3.86 1.45 -3.53
CA ALA A 45 -3.39 0.14 -3.99
C ALA A 45 -3.58 -0.07 -5.51
N THR A 46 -2.64 -0.80 -6.12
CA THR A 46 -2.69 -1.29 -7.51
C THR A 46 -2.16 -2.73 -7.58
N LEU A 47 -3.03 -3.64 -7.99
CA LEU A 47 -2.70 -5.06 -8.22
C LEU A 47 -1.84 -5.21 -9.48
N LEU A 48 -0.61 -5.69 -9.31
CA LEU A 48 0.32 -5.97 -10.41
C LEU A 48 -0.01 -7.30 -11.12
N GLY A 49 0.69 -7.59 -12.22
CA GLY A 49 0.51 -8.81 -13.03
C GLY A 49 1.16 -10.09 -12.47
N HIS A 50 1.70 -10.04 -11.25
CA HIS A 50 2.41 -11.14 -10.56
C HIS A 50 2.24 -11.04 -9.02
N ALA A 4 -6.49 -13.21 -5.35
CA ALA A 4 -5.40 -12.84 -4.41
C ALA A 4 -4.19 -13.81 -4.48
N ARG A 5 -3.46 -13.78 -5.62
CA ARG A 5 -2.16 -14.48 -5.85
C ARG A 5 -1.19 -13.53 -6.58
N LYS A 6 -1.30 -12.23 -6.25
CA LYS A 6 -0.67 -11.09 -6.93
C LYS A 6 -0.12 -10.04 -5.93
N VAL A 7 0.83 -9.26 -6.42
CA VAL A 7 1.46 -8.12 -5.70
C VAL A 7 0.56 -6.89 -5.78
N LYS A 8 0.48 -6.12 -4.69
CA LYS A 8 -0.14 -4.79 -4.63
C LYS A 8 0.96 -3.75 -4.43
N GLN A 9 1.05 -2.82 -5.37
CA GLN A 9 1.87 -1.62 -5.26
C GLN A 9 1.02 -0.54 -4.57
N TYR A 10 1.66 0.36 -3.83
CA TYR A 10 1.04 1.50 -3.18
C TYR A 10 1.94 2.73 -3.38
N LYS A 11 1.33 3.93 -3.43
CA LYS A 11 2.03 5.22 -3.55
C LYS A 11 1.47 6.20 -2.52
N ASN A 12 2.33 7.07 -1.97
CA ASN A 12 1.97 8.02 -0.91
C ASN A 12 2.23 9.47 -1.35
N PRO A 13 1.23 10.18 -1.94
CA PRO A 13 1.33 11.58 -2.35
C PRO A 13 1.91 12.58 -1.33
N HIS A 14 1.81 12.28 -0.02
CA HIS A 14 2.34 13.14 1.06
C HIS A 14 3.89 13.26 1.07
N THR A 15 4.58 12.24 0.55
CA THR A 15 6.06 12.15 0.53
C THR A 15 6.64 11.81 -0.85
N GLY A 16 5.82 11.27 -1.76
CA GLY A 16 6.23 10.77 -3.08
C GLY A 16 6.66 9.29 -3.07
N GLU A 17 6.63 8.62 -1.91
CA GLU A 17 7.01 7.21 -1.75
C GLU A 17 6.16 6.22 -2.54
N VAL A 18 6.77 5.08 -2.85
CA VAL A 18 6.17 3.89 -3.45
C VAL A 18 6.69 2.64 -2.73
N ILE A 19 5.81 1.66 -2.52
CA ILE A 19 6.11 0.34 -1.95
C ILE A 19 5.32 -0.76 -2.67
N GLU A 20 5.73 -2.00 -2.47
CA GLU A 20 5.10 -3.22 -3.00
C GLU A 20 5.10 -4.34 -1.96
N THR A 21 3.98 -5.08 -1.88
CA THR A 21 3.78 -6.22 -0.98
C THR A 21 2.80 -7.24 -1.59
N LYS A 22 2.83 -8.49 -1.13
CA LYS A 22 1.86 -9.55 -1.50
C LYS A 22 0.63 -9.59 -0.57
N GLY A 23 0.59 -8.75 0.48
CA GLY A 23 -0.53 -8.62 1.42
C GLY A 23 -0.21 -8.98 2.87
N GLY A 24 1.04 -9.36 3.18
CA GLY A 24 1.51 -9.66 4.54
C GLY A 24 1.70 -8.42 5.42
N ASN A 25 2.11 -8.63 6.68
CA ASN A 25 2.40 -7.56 7.65
C ASN A 25 3.64 -6.72 7.26
N HIS A 26 3.44 -5.72 6.39
CA HIS A 26 4.48 -4.82 5.89
C HIS A 26 4.44 -3.49 6.67
N LYS A 27 5.24 -3.37 7.72
CA LYS A 27 5.23 -2.29 8.74
C LYS A 27 5.08 -0.87 8.19
N THR A 28 5.75 -0.54 7.09
CA THR A 28 5.65 0.76 6.39
C THR A 28 4.24 1.07 5.88
N LEU A 29 3.51 0.06 5.38
CA LEU A 29 2.11 0.19 4.97
C LEU A 29 1.22 0.40 6.19
N LYS A 30 1.43 -0.36 7.28
CA LYS A 30 0.71 -0.21 8.55
C LYS A 30 0.81 1.21 9.10
N GLU A 31 2.02 1.78 9.06
CA GLU A 31 2.25 3.18 9.40
C GLU A 31 1.40 4.11 8.54
N TRP A 32 1.37 3.91 7.23
CA TRP A 32 0.54 4.72 6.32
C TRP A 32 -0.96 4.59 6.63
N LYS A 33 -1.46 3.38 6.93
CA LYS A 33 -2.86 3.14 7.32
C LYS A 33 -3.20 3.88 8.61
N ALA A 34 -2.29 3.88 9.58
CA ALA A 34 -2.45 4.60 10.84
C ALA A 34 -2.40 6.14 10.67
N LYS A 35 -1.53 6.63 9.77
CA LYS A 35 -1.27 8.06 9.54
C LYS A 35 -2.30 8.76 8.63
N TRP A 36 -2.86 8.05 7.65
CA TRP A 36 -3.74 8.62 6.60
C TRP A 36 -5.08 7.89 6.37
N GLY A 37 -5.31 6.78 7.08
CA GLY A 37 -6.56 6.02 7.07
C GLY A 37 -6.47 4.74 6.22
N PRO A 38 -6.86 3.57 6.74
CA PRO A 38 -6.74 2.30 6.01
C PRO A 38 -7.56 2.26 4.72
N GLU A 39 -8.73 2.89 4.68
CA GLU A 39 -9.58 2.93 3.47
C GLU A 39 -8.95 3.79 2.36
N ALA A 40 -8.34 4.92 2.74
CA ALA A 40 -7.59 5.76 1.82
C ALA A 40 -6.37 5.02 1.25
N VAL A 41 -5.57 4.40 2.13
CA VAL A 41 -4.38 3.64 1.74
C VAL A 41 -4.74 2.43 0.88
N GLU A 42 -5.79 1.68 1.18
CA GLU A 42 -6.26 0.58 0.33
C GLU A 42 -6.79 1.10 -1.03
N SER A 43 -7.26 2.36 -1.09
CA SER A 43 -7.58 3.03 -2.36
C SER A 43 -6.34 3.46 -3.16
N TRP A 44 -5.16 3.61 -2.51
CA TRP A 44 -3.88 3.82 -3.20
C TRP A 44 -3.34 2.54 -3.88
N ALA A 45 -3.88 1.36 -3.54
CA ALA A 45 -3.39 0.07 -4.04
C ALA A 45 -3.57 -0.12 -5.57
N THR A 46 -2.61 -0.80 -6.20
CA THR A 46 -2.65 -1.27 -7.60
C THR A 46 -2.07 -2.68 -7.72
N LEU A 47 -2.91 -3.61 -8.17
CA LEU A 47 -2.50 -4.97 -8.50
C LEU A 47 -1.53 -4.97 -9.70
N LEU A 48 -0.42 -5.70 -9.58
CA LEU A 48 0.58 -5.85 -10.65
C LEU A 48 0.36 -7.16 -11.46
N GLY A 49 1.02 -7.27 -12.61
CA GLY A 49 0.97 -8.45 -13.49
C GLY A 49 1.87 -8.32 -14.74
N HIS A 50 1.89 -9.37 -15.56
CA HIS A 50 2.67 -9.47 -16.81
C HIS A 50 1.94 -10.34 -17.86
N ALA A 4 -6.56 -12.32 -5.59
CA ALA A 4 -5.52 -13.32 -5.99
C ALA A 4 -4.17 -13.02 -5.30
N ARG A 5 -3.14 -13.88 -5.50
CA ARG A 5 -1.81 -13.77 -4.85
C ARG A 5 -0.87 -12.71 -5.43
N LYS A 6 -1.29 -12.01 -6.49
CA LYS A 6 -0.58 -10.87 -7.13
C LYS A 6 -0.16 -9.79 -6.12
N VAL A 7 0.92 -9.10 -6.44
CA VAL A 7 1.50 -7.98 -5.67
C VAL A 7 0.60 -6.75 -5.74
N LYS A 8 0.41 -6.08 -4.60
CA LYS A 8 -0.21 -4.76 -4.50
C LYS A 8 0.89 -3.72 -4.29
N GLN A 9 1.01 -2.83 -5.27
CA GLN A 9 1.83 -1.63 -5.19
C GLN A 9 1.00 -0.54 -4.49
N TYR A 10 1.65 0.33 -3.73
CA TYR A 10 1.04 1.50 -3.08
C TYR A 10 1.94 2.71 -3.27
N LYS A 11 1.35 3.91 -3.32
CA LYS A 11 2.05 5.20 -3.43
C LYS A 11 1.49 6.19 -2.40
N ASN A 12 2.35 6.95 -1.75
CA ASN A 12 1.98 7.96 -0.76
C ASN A 12 2.30 9.38 -1.27
N PRO A 13 1.34 10.07 -1.94
CA PRO A 13 1.58 11.38 -2.54
C PRO A 13 1.96 12.49 -1.53
N HIS A 14 1.74 12.27 -0.22
CA HIS A 14 2.16 13.17 0.86
C HIS A 14 3.69 13.23 1.06
N THR A 15 4.41 12.19 0.64
CA THR A 15 5.88 12.04 0.80
C THR A 15 6.61 11.74 -0.51
N GLY A 16 5.91 11.19 -1.51
CA GLY A 16 6.44 10.76 -2.80
C GLY A 16 6.83 9.27 -2.84
N GLU A 17 6.74 8.56 -1.71
CA GLU A 17 7.10 7.14 -1.61
C GLU A 17 6.22 6.18 -2.41
N VAL A 18 6.81 5.04 -2.78
CA VAL A 18 6.18 3.88 -3.40
C VAL A 18 6.71 2.60 -2.73
N ILE A 19 5.82 1.62 -2.50
CA ILE A 19 6.13 0.30 -1.93
C ILE A 19 5.33 -0.79 -2.66
N GLU A 20 5.74 -2.04 -2.44
CA GLU A 20 5.13 -3.26 -3.00
C GLU A 20 5.11 -4.38 -1.95
N THR A 21 3.99 -5.10 -1.88
CA THR A 21 3.79 -6.25 -0.98
C THR A 21 2.78 -7.25 -1.57
N LYS A 22 2.82 -8.52 -1.15
CA LYS A 22 1.80 -9.54 -1.50
C LYS A 22 0.59 -9.53 -0.54
N GLY A 23 0.61 -8.69 0.49
CA GLY A 23 -0.47 -8.53 1.48
C GLY A 23 -0.11 -8.87 2.93
N GLY A 24 1.16 -9.25 3.19
CA GLY A 24 1.67 -9.56 4.53
C GLY A 24 1.87 -8.34 5.43
N ASN A 25 2.32 -8.58 6.67
CA ASN A 25 2.62 -7.54 7.67
C ASN A 25 3.85 -6.70 7.27
N HIS A 26 3.64 -5.67 6.43
CA HIS A 26 4.67 -4.76 5.90
C HIS A 26 4.60 -3.42 6.62
N LYS A 27 5.40 -3.22 7.68
CA LYS A 27 5.34 -2.08 8.64
C LYS A 27 5.14 -0.69 8.00
N THR A 28 5.80 -0.39 6.89
CA THR A 28 5.64 0.88 6.15
C THR A 28 4.20 1.13 5.68
N LEU A 29 3.49 0.07 5.26
CA LEU A 29 2.08 0.15 4.87
C LEU A 29 1.21 0.38 6.12
N LYS A 30 1.46 -0.35 7.20
CA LYS A 30 0.75 -0.19 8.49
C LYS A 30 0.85 1.24 9.02
N GLU A 31 2.05 1.81 8.95
CA GLU A 31 2.28 3.21 9.29
C GLU A 31 1.40 4.16 8.46
N TRP A 32 1.30 3.91 7.16
CA TRP A 32 0.45 4.73 6.29
C TRP A 32 -1.03 4.56 6.61
N LYS A 33 -1.50 3.34 6.89
CA LYS A 33 -2.90 3.08 7.31
C LYS A 33 -3.22 3.81 8.62
N ALA A 34 -2.27 3.83 9.55
CA ALA A 34 -2.40 4.54 10.83
C ALA A 34 -2.39 6.08 10.66
N LYS A 35 -1.60 6.60 9.72
CA LYS A 35 -1.33 8.05 9.55
C LYS A 35 -2.17 8.78 8.49
N TRP A 36 -2.81 8.06 7.56
CA TRP A 36 -3.71 8.62 6.53
C TRP A 36 -5.06 7.89 6.37
N GLY A 37 -5.24 6.75 7.05
CA GLY A 37 -6.50 5.98 7.09
C GLY A 37 -6.45 4.72 6.23
N PRO A 38 -6.87 3.54 6.75
CA PRO A 38 -6.77 2.27 6.02
C PRO A 38 -7.57 2.25 4.72
N GLU A 39 -8.76 2.87 4.68
CA GLU A 39 -9.60 2.92 3.49
C GLU A 39 -8.98 3.78 2.38
N ALA A 40 -8.37 4.90 2.75
CA ALA A 40 -7.61 5.76 1.83
C ALA A 40 -6.40 5.02 1.26
N VAL A 41 -5.61 4.38 2.12
CA VAL A 41 -4.41 3.63 1.72
C VAL A 41 -4.78 2.41 0.85
N GLU A 42 -5.84 1.67 1.16
CA GLU A 42 -6.32 0.58 0.29
C GLU A 42 -6.86 1.10 -1.06
N SER A 43 -7.30 2.37 -1.11
CA SER A 43 -7.62 3.05 -2.38
C SER A 43 -6.36 3.48 -3.17
N TRP A 44 -5.20 3.63 -2.52
CA TRP A 44 -3.90 3.84 -3.20
C TRP A 44 -3.38 2.55 -3.88
N ALA A 45 -3.89 1.37 -3.50
CA ALA A 45 -3.39 0.08 -4.01
C ALA A 45 -3.55 -0.09 -5.54
N THR A 46 -2.59 -0.78 -6.16
CA THR A 46 -2.60 -1.22 -7.57
C THR A 46 -2.04 -2.63 -7.70
N LEU A 47 -2.87 -3.54 -8.20
CA LEU A 47 -2.50 -4.92 -8.51
C LEU A 47 -1.56 -4.97 -9.72
N LEU A 48 -0.34 -5.48 -9.53
CA LEU A 48 0.63 -5.70 -10.62
C LEU A 48 0.31 -6.98 -11.42
N GLY A 49 1.03 -7.20 -12.52
CA GLY A 49 0.88 -8.38 -13.39
C GLY A 49 1.52 -9.68 -12.86
N HIS A 50 2.10 -9.65 -11.65
CA HIS A 50 2.85 -10.74 -11.00
C HIS A 50 2.52 -10.83 -9.50
N ALA A 4 -6.03 -14.25 -4.82
CA ALA A 4 -4.72 -14.95 -5.02
C ALA A 4 -3.55 -14.13 -4.44
N ARG A 5 -2.34 -14.70 -4.35
CA ARG A 5 -1.12 -14.09 -3.76
C ARG A 5 -0.43 -13.02 -4.66
N LYS A 6 -1.22 -12.27 -5.43
CA LYS A 6 -0.78 -11.16 -6.30
C LYS A 6 -0.12 -10.02 -5.50
N VAL A 7 0.79 -9.31 -6.15
CA VAL A 7 1.46 -8.11 -5.59
C VAL A 7 0.55 -6.89 -5.71
N LYS A 8 0.48 -6.09 -4.64
CA LYS A 8 -0.13 -4.76 -4.60
C LYS A 8 0.96 -3.72 -4.41
N GLN A 9 1.05 -2.79 -5.35
CA GLN A 9 1.86 -1.58 -5.24
C GLN A 9 1.00 -0.52 -4.53
N TYR A 10 1.65 0.38 -3.80
CA TYR A 10 1.02 1.53 -3.14
C TYR A 10 1.93 2.76 -3.35
N LYS A 11 1.33 3.95 -3.42
CA LYS A 11 2.03 5.24 -3.54
C LYS A 11 1.47 6.22 -2.50
N ASN A 12 2.33 7.07 -1.94
CA ASN A 12 1.98 8.01 -0.87
C ASN A 12 2.25 9.48 -1.29
N PRO A 13 1.26 10.18 -1.87
CA PRO A 13 1.35 11.60 -2.26
C PRO A 13 1.93 12.57 -1.21
N HIS A 14 1.83 12.25 0.09
CA HIS A 14 2.37 13.08 1.19
C HIS A 14 3.91 13.17 1.20
N THR A 15 4.60 12.17 0.67
CA THR A 15 6.09 12.06 0.66
C THR A 15 6.67 11.74 -0.73
N GLY A 16 5.85 11.26 -1.66
CA GLY A 16 6.28 10.77 -2.98
C GLY A 16 6.69 9.30 -3.00
N GLU A 17 6.65 8.61 -1.85
CA GLU A 17 7.03 7.20 -1.72
C GLU A 17 6.18 6.21 -2.52
N VAL A 18 6.77 5.07 -2.83
CA VAL A 18 6.16 3.88 -3.43
C VAL A 18 6.68 2.63 -2.71
N ILE A 19 5.80 1.65 -2.50
CA ILE A 19 6.10 0.32 -1.93
C ILE A 19 5.31 -0.76 -2.65
N GLU A 20 5.74 -2.01 -2.47
CA GLU A 20 5.11 -3.22 -3.01
C GLU A 20 5.14 -4.37 -1.98
N THR A 21 4.02 -5.10 -1.87
CA THR A 21 3.85 -6.27 -0.99
C THR A 21 2.82 -7.25 -1.58
N LYS A 22 2.84 -8.53 -1.15
CA LYS A 22 1.80 -9.53 -1.46
C LYS A 22 0.61 -9.52 -0.50
N GLY A 23 0.63 -8.65 0.53
CA GLY A 23 -0.46 -8.47 1.51
C GLY A 23 -0.09 -8.90 2.95
N GLY A 24 1.17 -9.27 3.21
CA GLY A 24 1.68 -9.61 4.54
C GLY A 24 1.87 -8.41 5.47
N ASN A 25 2.30 -8.67 6.71
CA ASN A 25 2.61 -7.65 7.73
C ASN A 25 3.82 -6.78 7.33
N HIS A 26 3.59 -5.74 6.52
CA HIS A 26 4.60 -4.82 5.99
C HIS A 26 4.52 -3.48 6.74
N LYS A 27 5.32 -3.29 7.79
CA LYS A 27 5.26 -2.18 8.76
C LYS A 27 5.09 -0.79 8.14
N THR A 28 5.78 -0.49 7.04
CA THR A 28 5.66 0.80 6.31
C THR A 28 4.22 1.06 5.82
N LEU A 29 3.52 0.03 5.34
CA LEU A 29 2.11 0.14 4.92
C LEU A 29 1.22 0.36 6.15
N LYS A 30 1.45 -0.39 7.24
CA LYS A 30 0.71 -0.23 8.50
C LYS A 30 0.81 1.18 9.06
N GLU A 31 2.01 1.75 9.02
CA GLU A 31 2.23 3.15 9.37
C GLU A 31 1.39 4.09 8.51
N TRP A 32 1.35 3.88 7.19
CA TRP A 32 0.53 4.69 6.28
C TRP A 32 -0.96 4.57 6.60
N LYS A 33 -1.46 3.36 6.90
CA LYS A 33 -2.87 3.11 7.29
C LYS A 33 -3.20 3.85 8.59
N ALA A 34 -2.29 3.84 9.55
CA ALA A 34 -2.45 4.55 10.83
C ALA A 34 -2.40 6.08 10.67
N LYS A 35 -1.53 6.59 9.78
CA LYS A 35 -1.28 8.03 9.58
C LYS A 35 -2.31 8.74 8.67
N TRP A 36 -2.85 8.03 7.67
CA TRP A 36 -3.71 8.62 6.62
C TRP A 36 -5.05 7.89 6.37
N GLY A 37 -5.30 6.77 7.06
CA GLY A 37 -6.56 6.03 7.05
C GLY A 37 -6.47 4.75 6.19
N PRO A 38 -6.87 3.57 6.71
CA PRO A 38 -6.75 2.32 5.99
C PRO A 38 -7.57 2.28 4.70
N GLU A 39 -8.74 2.92 4.66
CA GLU A 39 -9.59 2.96 3.46
C GLU A 39 -8.97 3.81 2.35
N ALA A 40 -8.35 4.94 2.72
CA ALA A 40 -7.60 5.79 1.79
C ALA A 40 -6.37 5.04 1.23
N VAL A 41 -5.58 4.43 2.11
CA VAL A 41 -4.39 3.66 1.72
C VAL A 41 -4.74 2.45 0.87
N GLU A 42 -5.80 1.70 1.17
CA GLU A 42 -6.27 0.61 0.31
C GLU A 42 -6.79 1.13 -1.04
N SER A 43 -7.27 2.37 -1.11
CA SER A 43 -7.59 3.06 -2.37
C SER A 43 -6.34 3.48 -3.17
N TRP A 44 -5.17 3.63 -2.53
CA TRP A 44 -3.87 3.83 -3.22
C TRP A 44 -3.36 2.54 -3.89
N ALA A 45 -3.89 1.37 -3.54
CA ALA A 45 -3.39 0.07 -4.02
C ALA A 45 -3.58 -0.13 -5.55
N THR A 46 -2.63 -0.82 -6.17
CA THR A 46 -2.66 -1.30 -7.56
C THR A 46 -2.08 -2.71 -7.67
N LEU A 47 -2.92 -3.65 -8.11
CA LEU A 47 -2.52 -5.02 -8.43
C LEU A 47 -1.56 -5.03 -9.64
N LEU A 48 -0.49 -5.84 -9.56
CA LEU A 48 0.53 -5.94 -10.61
C LEU A 48 0.40 -7.22 -11.46
N GLY A 49 -0.84 -7.52 -11.87
CA GLY A 49 -1.17 -8.67 -12.70
C GLY A 49 -2.66 -8.79 -13.04
N HIS A 50 -3.01 -9.80 -13.85
CA HIS A 50 -4.37 -10.09 -14.33
C HIS A 50 -4.64 -11.61 -14.37
N ALA A 4 -6.73 -12.45 -4.61
CA ALA A 4 -5.91 -13.33 -5.49
C ALA A 4 -4.42 -13.32 -5.08
N ARG A 5 -3.63 -14.29 -5.54
CA ARG A 5 -2.19 -14.45 -5.25
C ARG A 5 -1.30 -13.48 -6.06
N LYS A 6 -1.48 -12.17 -5.83
CA LYS A 6 -0.87 -11.05 -6.57
C LYS A 6 -0.32 -9.97 -5.64
N VAL A 7 0.68 -9.24 -6.14
CA VAL A 7 1.32 -8.09 -5.45
C VAL A 7 0.44 -6.85 -5.54
N LYS A 8 0.33 -6.09 -4.44
CA LYS A 8 -0.26 -4.75 -4.40
C LYS A 8 0.86 -3.73 -4.29
N GLN A 9 0.95 -2.85 -5.28
CA GLN A 9 1.79 -1.66 -5.25
C GLN A 9 0.98 -0.54 -4.60
N TYR A 10 1.65 0.37 -3.89
CA TYR A 10 1.05 1.54 -3.25
C TYR A 10 1.96 2.75 -3.46
N LYS A 11 1.38 3.95 -3.49
CA LYS A 11 2.08 5.25 -3.56
C LYS A 11 1.49 6.18 -2.49
N ASN A 12 2.33 7.03 -1.89
CA ASN A 12 1.92 7.95 -0.83
C ASN A 12 2.11 9.42 -1.25
N PRO A 13 1.05 10.09 -1.77
CA PRO A 13 1.07 11.51 -2.12
C PRO A 13 1.60 12.48 -1.05
N HIS A 14 1.51 12.12 0.24
CA HIS A 14 1.97 12.97 1.37
C HIS A 14 3.50 12.94 1.58
N THR A 15 4.21 11.95 1.02
CA THR A 15 5.67 11.76 1.21
C THR A 15 6.45 11.55 -0.09
N GLY A 16 5.77 11.14 -1.16
CA GLY A 16 6.35 10.80 -2.48
C GLY A 16 6.76 9.34 -2.63
N GLU A 17 6.69 8.53 -1.56
CA GLU A 17 7.10 7.12 -1.56
C GLU A 17 6.21 6.18 -2.39
N VAL A 18 6.82 5.06 -2.80
CA VAL A 18 6.18 3.90 -3.43
C VAL A 18 6.70 2.61 -2.77
N ILE A 19 5.82 1.64 -2.55
CA ILE A 19 6.11 0.32 -1.97
C ILE A 19 5.29 -0.77 -2.67
N GLU A 20 5.71 -2.02 -2.48
CA GLU A 20 5.05 -3.23 -2.97
C GLU A 20 5.08 -4.35 -1.92
N THR A 21 3.96 -5.07 -1.78
CA THR A 21 3.79 -6.23 -0.88
C THR A 21 2.76 -7.22 -1.44
N LYS A 22 2.80 -8.48 -1.00
CA LYS A 22 1.79 -9.51 -1.31
C LYS A 22 0.58 -9.49 -0.36
N GLY A 23 0.59 -8.63 0.67
CA GLY A 23 -0.49 -8.45 1.65
C GLY A 23 -0.14 -8.82 3.09
N GLY A 24 1.12 -9.22 3.35
CA GLY A 24 1.63 -9.53 4.69
C GLY A 24 1.85 -8.29 5.57
N ASN A 25 2.30 -8.52 6.82
CA ASN A 25 2.62 -7.46 7.79
C ASN A 25 3.86 -6.63 7.36
N HIS A 26 3.63 -5.62 6.51
CA HIS A 26 4.66 -4.72 5.96
C HIS A 26 4.60 -3.37 6.69
N LYS A 27 5.41 -3.19 7.75
CA LYS A 27 5.36 -2.07 8.72
C LYS A 27 5.19 -0.67 8.09
N THR A 28 5.85 -0.38 6.99
CA THR A 28 5.71 0.91 6.24
C THR A 28 4.28 1.17 5.78
N LEU A 29 3.56 0.13 5.33
CA LEU A 29 2.15 0.23 4.93
C LEU A 29 1.29 0.42 6.17
N LYS A 30 1.54 -0.34 7.25
CA LYS A 30 0.82 -0.21 8.53
C LYS A 30 0.89 1.21 9.09
N GLU A 31 2.08 1.82 9.02
CA GLU A 31 2.28 3.22 9.36
C GLU A 31 1.39 4.13 8.52
N TRP A 32 1.36 3.93 7.21
CA TRP A 32 0.51 4.72 6.31
C TRP A 32 -0.99 4.56 6.62
N LYS A 33 -1.45 3.33 6.91
CA LYS A 33 -2.86 3.04 7.28
C LYS A 33 -3.22 3.74 8.60
N ALA A 34 -2.29 3.76 9.56
CA ALA A 34 -2.46 4.47 10.83
C ALA A 34 -2.46 6.01 10.67
N LYS A 35 -1.60 6.53 9.78
CA LYS A 35 -1.37 7.98 9.58
C LYS A 35 -2.42 8.66 8.67
N TRP A 36 -2.95 7.95 7.68
CA TRP A 36 -3.84 8.51 6.63
C TRP A 36 -5.17 7.74 6.43
N GLY A 37 -5.35 6.61 7.11
CA GLY A 37 -6.57 5.80 7.11
C GLY A 37 -6.45 4.56 6.21
N PRO A 38 -6.83 3.36 6.68
CA PRO A 38 -6.69 2.13 5.90
C PRO A 38 -7.49 2.14 4.60
N GLU A 39 -8.68 2.75 4.59
CA GLU A 39 -9.53 2.85 3.40
C GLU A 39 -8.89 3.74 2.32
N ALA A 40 -8.29 4.86 2.74
CA ALA A 40 -7.52 5.75 1.85
C ALA A 40 -6.30 5.03 1.27
N VAL A 41 -5.51 4.36 2.11
CA VAL A 41 -4.32 3.61 1.69
C VAL A 41 -4.67 2.44 0.75
N GLU A 42 -5.75 1.70 1.00
CA GLU A 42 -6.21 0.68 0.05
C GLU A 42 -6.72 1.29 -1.27
N SER A 43 -7.23 2.52 -1.25
CA SER A 43 -7.54 3.28 -2.48
C SER A 43 -6.27 3.66 -3.28
N TRP A 44 -5.12 3.81 -2.60
CA TRP A 44 -3.80 3.96 -3.26
C TRP A 44 -3.29 2.66 -3.90
N ALA A 45 -3.87 1.49 -3.57
CA ALA A 45 -3.38 0.20 -4.03
C ALA A 45 -3.60 -0.03 -5.55
N THR A 46 -2.67 -0.77 -6.17
CA THR A 46 -2.74 -1.31 -7.54
C THR A 46 -2.20 -2.72 -7.61
N LEU A 47 -3.06 -3.66 -8.00
CA LEU A 47 -2.72 -5.06 -8.24
C LEU A 47 -1.84 -5.20 -9.49
N LEU A 48 -0.64 -5.78 -9.32
CA LEU A 48 0.30 -6.03 -10.42
C LEU A 48 0.01 -7.38 -11.13
N GLY A 49 0.56 -7.56 -12.32
CA GLY A 49 0.44 -8.79 -13.12
C GLY A 49 1.24 -8.76 -14.43
N HIS A 50 1.18 -9.86 -15.18
CA HIS A 50 1.84 -10.04 -16.49
C HIS A 50 1.00 -10.95 -17.42
N ALA A 4 -6.35 -12.66 -3.62
CA ALA A 4 -5.32 -13.66 -4.04
C ALA A 4 -3.90 -13.23 -3.61
N ARG A 5 -2.87 -14.05 -3.88
CA ARG A 5 -1.45 -13.81 -3.47
C ARG A 5 -0.68 -12.79 -4.33
N LYS A 6 -1.32 -12.23 -5.37
CA LYS A 6 -0.80 -11.15 -6.23
C LYS A 6 -0.28 -9.93 -5.44
N VAL A 7 0.72 -9.26 -6.03
CA VAL A 7 1.37 -8.07 -5.45
C VAL A 7 0.47 -6.83 -5.55
N LYS A 8 0.35 -6.08 -4.45
CA LYS A 8 -0.25 -4.76 -4.41
C LYS A 8 0.88 -3.72 -4.28
N GLN A 9 0.95 -2.85 -5.26
CA GLN A 9 1.79 -1.66 -5.26
C GLN A 9 0.98 -0.53 -4.59
N TYR A 10 1.64 0.35 -3.87
CA TYR A 10 1.04 1.53 -3.23
C TYR A 10 1.94 2.74 -3.44
N LYS A 11 1.35 3.94 -3.50
CA LYS A 11 2.05 5.24 -3.56
C LYS A 11 1.47 6.17 -2.50
N ASN A 12 2.30 7.03 -1.91
CA ASN A 12 1.91 7.94 -0.84
C ASN A 12 2.07 9.43 -1.25
N PRO A 13 1.01 10.08 -1.77
CA PRO A 13 1.00 11.51 -2.11
C PRO A 13 1.54 12.48 -1.03
N HIS A 14 1.47 12.12 0.26
CA HIS A 14 1.94 12.96 1.37
C HIS A 14 3.46 12.95 1.57
N THR A 15 4.17 11.97 1.00
CA THR A 15 5.64 11.79 1.18
C THR A 15 6.41 11.57 -0.13
N GLY A 16 5.74 11.15 -1.21
CA GLY A 16 6.32 10.82 -2.51
C GLY A 16 6.73 9.35 -2.66
N GLU A 17 6.65 8.55 -1.58
CA GLU A 17 7.07 7.13 -1.58
C GLU A 17 6.19 6.19 -2.42
N VAL A 18 6.79 5.08 -2.84
CA VAL A 18 6.17 3.91 -3.48
C VAL A 18 6.70 2.64 -2.82
N ILE A 19 5.82 1.66 -2.62
CA ILE A 19 6.11 0.34 -2.04
C ILE A 19 5.31 -0.76 -2.74
N GLU A 20 5.72 -2.00 -2.53
CA GLU A 20 5.09 -3.23 -3.03
C GLU A 20 5.10 -4.33 -1.95
N THR A 21 3.99 -5.06 -1.84
CA THR A 21 3.81 -6.22 -0.93
C THR A 21 2.81 -7.21 -1.49
N LYS A 22 2.87 -8.49 -1.06
CA LYS A 22 1.87 -9.53 -1.39
C LYS A 22 0.66 -9.55 -0.43
N GLY A 23 0.66 -8.68 0.60
CA GLY A 23 -0.44 -8.53 1.56
C GLY A 23 -0.10 -8.91 3.01
N GLY A 24 1.15 -9.30 3.29
CA GLY A 24 1.65 -9.60 4.64
C GLY A 24 1.86 -8.34 5.50
N ASN A 25 2.29 -8.54 6.75
CA ASN A 25 2.58 -7.47 7.71
C ASN A 25 3.81 -6.63 7.30
N HIS A 26 3.62 -5.65 6.42
CA HIS A 26 4.64 -4.74 5.90
C HIS A 26 4.57 -3.41 6.67
N LYS A 27 5.39 -3.25 7.73
CA LYS A 27 5.32 -2.16 8.73
C LYS A 27 5.12 -0.75 8.13
N THR A 28 5.82 -0.42 7.05
CA THR A 28 5.69 0.88 6.34
C THR A 28 4.26 1.15 5.86
N LEU A 29 3.55 0.12 5.36
CA LEU A 29 2.14 0.23 4.97
C LEU A 29 1.26 0.41 6.21
N LYS A 30 1.51 -0.35 7.28
CA LYS A 30 0.79 -0.21 8.56
C LYS A 30 0.87 1.21 9.11
N GLU A 31 2.06 1.80 9.09
CA GLU A 31 2.24 3.20 9.42
C GLU A 31 1.39 4.12 8.55
N TRP A 32 1.37 3.91 7.24
CA TRP A 32 0.54 4.70 6.32
C TRP A 32 -0.96 4.55 6.63
N LYS A 33 -1.44 3.33 6.92
CA LYS A 33 -2.85 3.06 7.29
C LYS A 33 -3.22 3.77 8.59
N ALA A 34 -2.31 3.81 9.56
CA ALA A 34 -2.49 4.53 10.82
C ALA A 34 -2.47 6.06 10.65
N LYS A 35 -1.59 6.57 9.77
CA LYS A 35 -1.37 8.02 9.55
C LYS A 35 -2.40 8.69 8.64
N TRP A 36 -2.93 7.97 7.65
CA TRP A 36 -3.80 8.53 6.59
C TRP A 36 -5.13 7.78 6.38
N GLY A 37 -5.32 6.64 7.06
CA GLY A 37 -6.56 5.84 7.08
C GLY A 37 -6.44 4.60 6.19
N PRO A 38 -6.82 3.40 6.67
CA PRO A 38 -6.68 2.16 5.91
C PRO A 38 -7.49 2.15 4.61
N GLU A 39 -8.67 2.79 4.59
CA GLU A 39 -9.52 2.89 3.39
C GLU A 39 -8.88 3.77 2.31
N ALA A 40 -8.26 4.87 2.72
CA ALA A 40 -7.50 5.75 1.84
C ALA A 40 -6.27 5.02 1.26
N VAL A 41 -5.50 4.34 2.11
CA VAL A 41 -4.32 3.59 1.69
C VAL A 41 -4.67 2.41 0.77
N GLU A 42 -5.75 1.67 1.02
CA GLU A 42 -6.22 0.65 0.07
C GLU A 42 -6.72 1.27 -1.24
N SER A 43 -7.23 2.51 -1.21
CA SER A 43 -7.54 3.27 -2.42
C SER A 43 -6.28 3.68 -3.21
N TRP A 44 -5.11 3.76 -2.56
CA TRP A 44 -3.80 3.92 -3.23
C TRP A 44 -3.29 2.62 -3.89
N ALA A 45 -3.87 1.45 -3.55
CA ALA A 45 -3.38 0.17 -4.03
C ALA A 45 -3.57 -0.05 -5.55
N THR A 46 -2.64 -0.79 -6.16
CA THR A 46 -2.69 -1.29 -7.55
C THR A 46 -2.16 -2.72 -7.62
N LEU A 47 -3.04 -3.63 -8.03
CA LEU A 47 -2.71 -5.05 -8.24
C LEU A 47 -1.85 -5.20 -9.51
N LEU A 48 -0.66 -5.80 -9.38
CA LEU A 48 0.30 -5.98 -10.49
C LEU A 48 0.00 -7.26 -11.32
N GLY A 49 -1.27 -7.44 -11.70
CA GLY A 49 -1.78 -8.64 -12.39
C GLY A 49 -1.67 -8.60 -13.93
N HIS A 50 -1.20 -7.49 -14.51
CA HIS A 50 -1.00 -7.28 -15.95
C HIS A 50 0.20 -6.35 -16.21
N ALA A 4 -6.19 -14.11 -6.29
CA ALA A 4 -4.87 -14.80 -6.17
C ALA A 4 -3.86 -13.96 -5.36
N ARG A 5 -2.71 -14.54 -4.96
CA ARG A 5 -1.65 -13.91 -4.12
C ARG A 5 -0.76 -12.89 -4.87
N LYS A 6 -1.34 -12.14 -5.81
CA LYS A 6 -0.68 -11.09 -6.60
C LYS A 6 -0.18 -9.93 -5.72
N VAL A 7 0.86 -9.25 -6.21
CA VAL A 7 1.48 -8.08 -5.57
C VAL A 7 0.56 -6.86 -5.68
N LYS A 8 0.47 -6.07 -4.61
CA LYS A 8 -0.15 -4.74 -4.56
C LYS A 8 0.94 -3.70 -4.36
N GLN A 9 1.04 -2.78 -5.32
CA GLN A 9 1.86 -1.58 -5.22
C GLN A 9 1.01 -0.50 -4.53
N TYR A 10 1.66 0.40 -3.79
CA TYR A 10 1.03 1.55 -3.14
C TYR A 10 1.94 2.77 -3.33
N LYS A 11 1.34 3.96 -3.42
CA LYS A 11 2.04 5.25 -3.52
C LYS A 11 1.49 6.23 -2.48
N ASN A 12 2.37 7.01 -1.85
CA ASN A 12 2.03 7.97 -0.80
C ASN A 12 2.33 9.40 -1.26
N PRO A 13 1.38 10.12 -1.89
CA PRO A 13 1.61 11.46 -2.43
C PRO A 13 1.99 12.54 -1.39
N HIS A 14 1.85 12.27 -0.09
CA HIS A 14 2.34 13.13 1.00
C HIS A 14 3.88 13.25 1.05
N THR A 15 4.59 12.22 0.57
CA THR A 15 6.07 12.14 0.58
C THR A 15 6.68 11.81 -0.79
N GLY A 16 5.88 11.26 -1.71
CA GLY A 16 6.33 10.76 -3.02
C GLY A 16 6.74 9.28 -3.01
N GLU A 17 6.68 8.61 -1.86
CA GLU A 17 7.05 7.19 -1.70
C GLU A 17 6.20 6.20 -2.49
N VAL A 18 6.81 5.05 -2.80
CA VAL A 18 6.18 3.87 -3.38
C VAL A 18 6.69 2.61 -2.67
N ILE A 19 5.81 1.63 -2.45
CA ILE A 19 6.10 0.31 -1.88
C ILE A 19 5.31 -0.77 -2.60
N GLU A 20 5.73 -2.02 -2.42
CA GLU A 20 5.11 -3.23 -2.95
C GLU A 20 5.12 -4.37 -1.92
N THR A 21 4.00 -5.10 -1.83
CA THR A 21 3.82 -6.27 -0.95
C THR A 21 2.80 -7.26 -1.55
N LYS A 22 2.83 -8.53 -1.12
CA LYS A 22 1.81 -9.54 -1.48
C LYS A 22 0.58 -9.53 -0.52
N GLY A 23 0.61 -8.69 0.52
CA GLY A 23 -0.49 -8.53 1.50
C GLY A 23 -0.13 -8.91 2.95
N GLY A 24 1.13 -9.29 3.21
CA GLY A 24 1.62 -9.61 4.55
C GLY A 24 1.85 -8.39 5.45
N ASN A 25 2.28 -8.63 6.69
CA ASN A 25 2.60 -7.59 7.68
C ASN A 25 3.82 -6.74 7.29
N HIS A 26 3.61 -5.72 6.45
CA HIS A 26 4.64 -4.81 5.92
C HIS A 26 4.57 -3.46 6.65
N LYS A 27 5.37 -3.28 7.71
CA LYS A 27 5.30 -2.15 8.68
C LYS A 27 5.11 -0.75 8.06
N THR A 28 5.80 -0.45 6.95
CA THR A 28 5.65 0.82 6.21
C THR A 28 4.22 1.08 5.73
N LEU A 29 3.50 0.04 5.29
CA LEU A 29 2.09 0.14 4.89
C LEU A 29 1.22 0.37 6.12
N LYS A 30 1.45 -0.38 7.21
CA LYS A 30 0.73 -0.21 8.48
C LYS A 30 0.85 1.19 9.04
N GLU A 31 2.04 1.77 8.97
CA GLU A 31 2.27 3.17 9.32
C GLU A 31 1.41 4.11 8.47
N TRP A 32 1.34 3.90 7.16
CA TRP A 32 0.50 4.71 6.27
C TRP A 32 -0.98 4.57 6.60
N LYS A 33 -1.48 3.35 6.88
CA LYS A 33 -2.87 3.10 7.28
C LYS A 33 -3.21 3.82 8.59
N ALA A 34 -2.28 3.82 9.55
CA ALA A 34 -2.41 4.55 10.82
C ALA A 34 -2.39 6.09 10.64
N LYS A 35 -1.53 6.59 9.75
CA LYS A 35 -1.27 8.02 9.53
C LYS A 35 -2.29 8.73 8.63
N TRP A 36 -2.86 8.03 7.64
CA TRP A 36 -3.75 8.61 6.61
C TRP A 36 -5.09 7.87 6.40
N GLY A 37 -5.30 6.74 7.08
CA GLY A 37 -6.55 5.99 7.08
C GLY A 37 -6.47 4.71 6.21
N PRO A 38 -6.87 3.53 6.73
CA PRO A 38 -6.75 2.28 6.00
C PRO A 38 -7.58 2.25 4.70
N GLU A 39 -8.76 2.86 4.68
CA GLU A 39 -9.61 2.92 3.49
C GLU A 39 -9.00 3.78 2.38
N ALA A 40 -8.38 4.90 2.76
CA ALA A 40 -7.64 5.76 1.83
C ALA A 40 -6.41 5.03 1.26
N VAL A 41 -5.61 4.41 2.12
CA VAL A 41 -4.41 3.66 1.70
C VAL A 41 -4.77 2.45 0.84
N GLU A 42 -5.83 1.71 1.14
CA GLU A 42 -6.30 0.61 0.27
C GLU A 42 -6.82 1.13 -1.09
N SER A 43 -7.29 2.38 -1.16
CA SER A 43 -7.60 3.05 -2.43
C SER A 43 -6.33 3.46 -3.22
N TRP A 44 -5.18 3.67 -2.55
CA TRP A 44 -3.88 3.86 -3.22
C TRP A 44 -3.35 2.57 -3.88
N ALA A 45 -3.88 1.39 -3.53
CA ALA A 45 -3.40 0.10 -4.01
C ALA A 45 -3.58 -0.10 -5.54
N THR A 46 -2.62 -0.79 -6.16
CA THR A 46 -2.66 -1.29 -7.55
C THR A 46 -2.09 -2.69 -7.65
N LEU A 47 -2.93 -3.63 -8.08
CA LEU A 47 -2.52 -5.00 -8.42
C LEU A 47 -1.56 -5.01 -9.61
N LEU A 48 -0.44 -5.73 -9.48
CA LEU A 48 0.54 -5.92 -10.55
C LEU A 48 0.36 -7.29 -11.23
N GLY A 49 1.01 -7.48 -12.39
CA GLY A 49 1.00 -8.74 -13.15
C GLY A 49 1.89 -8.71 -14.40
N HIS A 50 1.94 -9.83 -15.13
CA HIS A 50 2.71 -10.01 -16.37
C HIS A 50 2.00 -10.98 -17.33
N ALA A 4 -4.65 -15.12 -8.04
CA ALA A 4 -4.48 -15.34 -6.58
C ALA A 4 -3.16 -14.75 -6.06
N ARG A 5 -3.21 -13.95 -4.98
CA ARG A 5 -2.07 -13.45 -4.18
C ARG A 5 -0.96 -12.70 -4.97
N LYS A 6 -1.32 -12.02 -6.07
CA LYS A 6 -0.44 -11.10 -6.81
C LYS A 6 -0.10 -9.85 -5.97
N VAL A 7 1.01 -9.21 -6.34
CA VAL A 7 1.56 -8.03 -5.65
C VAL A 7 0.64 -6.81 -5.76
N LYS A 8 0.48 -6.08 -4.65
CA LYS A 8 -0.15 -4.77 -4.58
C LYS A 8 0.95 -3.71 -4.41
N GLN A 9 1.05 -2.81 -5.38
CA GLN A 9 1.86 -1.60 -5.30
C GLN A 9 1.02 -0.52 -4.60
N TYR A 10 1.67 0.37 -3.85
CA TYR A 10 1.06 1.52 -3.20
C TYR A 10 1.94 2.75 -3.41
N LYS A 11 1.33 3.94 -3.46
CA LYS A 11 2.02 5.24 -3.55
C LYS A 11 1.43 6.19 -2.51
N ASN A 12 2.27 7.05 -1.91
CA ASN A 12 1.88 7.96 -0.84
C ASN A 12 2.03 9.44 -1.24
N PRO A 13 0.97 10.09 -1.76
CA PRO A 13 0.95 11.52 -2.10
C PRO A 13 1.48 12.49 -1.01
N HIS A 14 1.42 12.12 0.27
CA HIS A 14 1.88 12.96 1.40
C HIS A 14 3.41 12.97 1.58
N THR A 15 4.13 11.99 1.02
CA THR A 15 5.60 11.83 1.19
C THR A 15 6.36 11.62 -0.13
N GLY A 16 5.68 11.19 -1.20
CA GLY A 16 6.25 10.85 -2.50
C GLY A 16 6.68 9.38 -2.64
N GLU A 17 6.60 8.59 -1.57
CA GLU A 17 7.02 7.18 -1.56
C GLU A 17 6.16 6.23 -2.40
N VAL A 18 6.76 5.11 -2.79
CA VAL A 18 6.15 3.94 -3.42
C VAL A 18 6.69 2.67 -2.74
N ILE A 19 5.80 1.69 -2.52
CA ILE A 19 6.11 0.37 -1.96
C ILE A 19 5.32 -0.73 -2.67
N GLU A 20 5.74 -1.98 -2.47
CA GLU A 20 5.12 -3.20 -3.01
C GLU A 20 5.12 -4.33 -1.97
N THR A 21 4.00 -5.05 -1.86
CA THR A 21 3.81 -6.22 -0.98
C THR A 21 2.80 -7.21 -1.57
N LYS A 22 2.82 -8.48 -1.15
CA LYS A 22 1.80 -9.49 -1.50
C LYS A 22 0.57 -9.46 -0.56
N GLY A 23 0.60 -8.64 0.48
CA GLY A 23 -0.52 -8.43 1.43
C GLY A 23 -0.21 -8.83 2.89
N GLY A 24 1.03 -9.24 3.19
CA GLY A 24 1.48 -9.57 4.56
C GLY A 24 1.68 -8.35 5.47
N ASN A 25 2.06 -8.60 6.72
CA ASN A 25 2.35 -7.56 7.73
C ASN A 25 3.61 -6.74 7.37
N HIS A 26 3.43 -5.72 6.52
CA HIS A 26 4.49 -4.84 6.00
C HIS A 26 4.48 -3.49 6.73
N LYS A 27 5.28 -3.34 7.79
CA LYS A 27 5.27 -2.22 8.76
C LYS A 27 5.08 -0.82 8.15
N THR A 28 5.77 -0.51 7.05
CA THR A 28 5.65 0.77 6.33
C THR A 28 4.23 1.05 5.84
N LEU A 29 3.51 0.04 5.34
CA LEU A 29 2.11 0.16 4.93
C LEU A 29 1.22 0.37 6.16
N LYS A 30 1.44 -0.39 7.24
CA LYS A 30 0.71 -0.23 8.50
C LYS A 30 0.82 1.18 9.07
N GLU A 31 2.02 1.74 9.03
CA GLU A 31 2.24 3.14 9.38
C GLU A 31 1.41 4.09 8.52
N TRP A 32 1.37 3.88 7.20
CA TRP A 32 0.55 4.69 6.29
C TRP A 32 -0.94 4.58 6.61
N LYS A 33 -1.45 3.37 6.90
CA LYS A 33 -2.85 3.13 7.30
C LYS A 33 -3.19 3.87 8.60
N ALA A 34 -2.26 3.87 9.56
CA ALA A 34 -2.42 4.59 10.83
C ALA A 34 -2.38 6.12 10.66
N LYS A 35 -1.50 6.61 9.76
CA LYS A 35 -1.24 8.05 9.55
C LYS A 35 -2.25 8.76 8.63
N TRP A 36 -2.80 8.06 7.63
CA TRP A 36 -3.65 8.63 6.58
C TRP A 36 -4.98 7.90 6.32
N GLY A 37 -5.23 6.79 7.03
CA GLY A 37 -6.49 6.05 7.03
C GLY A 37 -6.43 4.77 6.19
N PRO A 38 -6.85 3.60 6.72
CA PRO A 38 -6.74 2.33 6.00
C PRO A 38 -7.57 2.30 4.71
N GLU A 39 -8.73 2.94 4.67
CA GLU A 39 -9.60 2.99 3.48
C GLU A 39 -8.97 3.83 2.36
N ALA A 40 -8.34 4.95 2.73
CA ALA A 40 -7.59 5.79 1.79
C ALA A 40 -6.37 5.04 1.24
N VAL A 41 -5.58 4.42 2.11
CA VAL A 41 -4.38 3.67 1.72
C VAL A 41 -4.73 2.45 0.87
N GLU A 42 -5.80 1.71 1.16
CA GLU A 42 -6.26 0.61 0.29
C GLU A 42 -6.77 1.11 -1.07
N SER A 43 -7.26 2.35 -1.14
CA SER A 43 -7.57 3.02 -2.43
C SER A 43 -6.31 3.39 -3.22
N TRP A 44 -5.16 3.61 -2.55
CA TRP A 44 -3.85 3.79 -3.22
C TRP A 44 -3.32 2.50 -3.87
N ALA A 45 -3.86 1.33 -3.51
CA ALA A 45 -3.38 0.03 -4.01
C ALA A 45 -3.59 -0.16 -5.52
N THR A 46 -2.63 -0.85 -6.16
CA THR A 46 -2.69 -1.32 -7.56
C THR A 46 -2.10 -2.71 -7.70
N LEU A 47 -2.93 -3.65 -8.15
CA LEU A 47 -2.53 -5.04 -8.43
C LEU A 47 -1.62 -5.11 -9.68
N LEU A 48 -0.41 -5.65 -9.55
CA LEU A 48 0.54 -5.85 -10.65
C LEU A 48 0.19 -7.09 -11.49
N GLY A 49 -1.06 -7.17 -11.93
CA GLY A 49 -1.69 -8.34 -12.59
C GLY A 49 -2.94 -7.97 -13.40
N HIS A 50 -2.86 -6.87 -14.16
CA HIS A 50 -3.96 -6.31 -14.96
C HIS A 50 -3.53 -5.90 -16.39
#